data_5J3Y
#
_entry.id   5J3Y
#
_cell.length_a   124.362
_cell.length_b   124.362
_cell.length_c   366.978
_cell.angle_alpha   90.00
_cell.angle_beta   90.00
_cell.angle_gamma   120.00
#
_symmetry.space_group_name_H-M   'P 65 2 2'
#
loop_
_entity.id
_entity.type
_entity.pdbx_description
1 polymer 'mRNA-decapping enzyme subunit 1'
2 polymer 'mRNA decapping complex subunit 2'
#
loop_
_entity_poly.entity_id
_entity_poly.type
_entity_poly.pdbx_seq_one_letter_code
_entity_poly.pdbx_strand_id
1 'polypeptide(L)'
;GPHMEDENILRNAVNLQVLKFHYPEIESIIDIASHVAVYQFDVGSQKWLKTSIEGTFFLVKDQRARVGYVILNRNSPENL
YLFINHPSNVHLVDRYLIHRTENQHVVGLWMFDPNDMSRIFNIVKESLLR
;
A,C
2 'polypeptide(L)'
;MSFTNATFSQVLDDLSARFILNLPAEEQSSVERLCFQIEQAHWFYEDFIRAQNDQLPSLGLRVFSAKLFAHCPLLWKWSK
VHEEAFDDFLRYKTRIPVRGAIMLDMSMQQCVLVKGWKASSGWGFPKGKIDKDESDVDCAIREVYEETGFDCSSRINPNE
FIDMTIRGQNVRLYIIPGISLDTRFESRTRKEISKIEWHNLMDLPTFKKNKPQTMKNKFYMVIPFLAPLKKWIKKRNIAN
NT
;
B,D
#
# COMPACT_ATOMS: atom_id res chain seq x y z
N PRO A 2 11.55 39.96 -6.49
CA PRO A 2 11.39 39.18 -5.26
C PRO A 2 12.60 39.30 -4.34
N HIS A 3 13.15 40.50 -4.22
CA HIS A 3 14.31 40.74 -3.39
C HIS A 3 13.92 40.81 -1.92
N MET A 4 14.76 40.21 -1.07
CA MET A 4 14.55 40.20 0.38
C MET A 4 15.90 40.36 1.04
N GLU A 5 16.13 41.53 1.66
CA GLU A 5 17.42 41.81 2.27
C GLU A 5 17.70 40.93 3.47
N ASP A 6 16.65 40.46 4.15
CA ASP A 6 16.81 39.56 5.29
C ASP A 6 15.56 38.70 5.38
N GLU A 7 15.71 37.41 5.07
CA GLU A 7 14.59 36.47 5.12
C GLU A 7 14.18 36.11 6.54
N ASN A 8 15.08 36.19 7.52
CA ASN A 8 14.72 35.83 8.89
C ASN A 8 13.89 36.93 9.54
N ILE A 9 14.22 38.19 9.29
CA ILE A 9 13.40 39.29 9.78
C ILE A 9 12.01 39.24 9.16
N LEU A 10 11.94 38.92 7.87
CA LEU A 10 10.65 38.76 7.21
C LEU A 10 9.91 37.54 7.74
N ARG A 11 10.62 36.48 8.08
CA ARG A 11 9.98 35.30 8.65
C ARG A 11 9.36 35.61 10.00
N ASN A 12 10.06 36.37 10.84
CA ASN A 12 9.54 36.75 12.14
C ASN A 12 8.51 37.86 12.05
N ALA A 13 8.45 38.58 10.92
CA ALA A 13 7.43 39.59 10.74
C ALA A 13 6.06 38.96 10.59
N VAL A 14 5.94 37.96 9.70
CA VAL A 14 4.67 37.26 9.54
C VAL A 14 4.38 36.35 10.73
N ASN A 15 5.41 35.95 11.48
CA ASN A 15 5.17 35.18 12.70
C ASN A 15 4.41 36.02 13.72
N LEU A 16 4.89 37.23 13.99
CA LEU A 16 4.18 38.12 14.90
C LEU A 16 2.83 38.54 14.33
N GLN A 17 2.73 38.63 13.00
CA GLN A 17 1.46 38.98 12.37
C GLN A 17 0.40 37.94 12.69
N VAL A 18 0.78 36.66 12.73
CA VAL A 18 -0.17 35.60 13.03
C VAL A 18 -0.52 35.62 14.53
N LEU A 19 0.49 35.84 15.38
CA LEU A 19 0.24 35.84 16.82
C LEU A 19 -0.67 37.00 17.22
N LYS A 20 -0.49 38.16 16.60
CA LYS A 20 -1.38 39.29 16.88
C LYS A 20 -2.79 39.03 16.35
N PHE A 21 -2.91 38.26 15.26
CA PHE A 21 -4.23 37.93 14.73
C PHE A 21 -5.04 37.08 15.69
N HIS A 22 -4.37 36.21 16.45
CA HIS A 22 -5.05 35.39 17.44
C HIS A 22 -5.13 36.08 18.80
N TYR A 23 -4.06 36.76 19.20
CA TYR A 23 -4.01 37.43 20.50
C TYR A 23 -3.48 38.85 20.30
N PRO A 24 -4.36 39.84 20.20
CA PRO A 24 -3.89 41.21 19.95
C PRO A 24 -3.06 41.80 21.08
N GLU A 25 -3.14 41.24 22.29
CA GLU A 25 -2.34 41.76 23.39
C GLU A 25 -0.86 41.40 23.26
N ILE A 26 -0.50 40.59 22.29
CA ILE A 26 0.90 40.25 22.07
C ILE A 26 1.62 41.43 21.46
N GLU A 27 2.78 41.80 22.04
CA GLU A 27 3.55 42.94 21.58
C GLU A 27 4.74 42.54 20.72
N SER A 28 5.52 41.56 21.15
CA SER A 28 6.70 41.15 20.41
C SER A 28 6.99 39.68 20.67
N ILE A 29 7.84 39.11 19.82
CA ILE A 29 8.31 37.74 19.96
C ILE A 29 9.70 37.77 20.58
N ILE A 30 9.92 36.97 21.61
CA ILE A 30 11.22 36.93 22.28
C ILE A 30 12.13 35.89 21.64
N ASP A 31 11.61 34.69 21.41
CA ASP A 31 12.39 33.61 20.79
C ASP A 31 11.42 32.58 20.25
N ILE A 32 11.93 31.71 19.37
CA ILE A 32 11.13 30.70 18.68
C ILE A 32 11.83 29.35 18.80
N ALA A 33 11.04 28.30 19.02
CA ALA A 33 11.52 26.93 19.01
C ALA A 33 10.82 26.17 17.89
N SER A 34 11.59 25.35 17.16
CA SER A 34 11.07 24.71 15.96
C SER A 34 9.89 23.79 16.26
N HIS A 35 10.13 22.76 17.06
CA HIS A 35 9.11 21.74 17.34
C HIS A 35 9.05 21.50 18.84
N VAL A 36 7.85 21.53 19.39
CA VAL A 36 7.64 21.37 20.83
C VAL A 36 6.37 20.55 21.06
N ALA A 37 6.49 19.51 21.87
CA ALA A 37 5.35 18.71 22.29
C ALA A 37 4.97 19.07 23.71
N VAL A 38 3.67 19.01 24.00
CA VAL A 38 3.13 19.43 25.29
C VAL A 38 2.70 18.18 26.07
N TYR A 39 3.18 18.08 27.31
CA TYR A 39 2.78 17.03 28.22
C TYR A 39 2.09 17.66 29.41
N GLN A 40 1.13 16.94 29.99
CA GLN A 40 0.39 17.44 31.14
C GLN A 40 0.43 16.43 32.28
N PHE A 41 0.81 16.90 33.46
CA PHE A 41 0.83 16.06 34.65
C PHE A 41 -0.57 15.96 35.22
N ASP A 42 -1.06 14.73 35.39
CA ASP A 42 -2.42 14.52 35.86
C ASP A 42 -2.58 15.01 37.29
N VAL A 43 -3.72 15.68 37.53
CA VAL A 43 -4.00 16.24 38.85
C VAL A 43 -4.15 15.16 39.90
N GLY A 44 -4.52 13.95 39.51
CA GLY A 44 -4.54 12.84 40.44
C GLY A 44 -3.18 12.37 40.90
N SER A 45 -2.10 13.01 40.45
CA SER A 45 -0.73 12.66 40.82
C SER A 45 -0.43 11.20 40.52
N GLN A 46 -0.66 10.80 39.25
CA GLN A 46 -0.48 9.43 38.81
C GLN A 46 0.72 9.29 37.89
N LYS A 47 0.61 9.75 36.64
CA LYS A 47 1.69 9.58 35.67
C LYS A 47 1.80 10.86 34.84
N TRP A 48 2.58 10.76 33.76
CA TRP A 48 2.91 11.90 32.91
C TRP A 48 2.15 11.76 31.59
N LEU A 49 0.94 12.30 31.55
CA LEU A 49 0.08 12.18 30.39
C LEU A 49 0.54 13.11 29.26
N LYS A 50 0.45 12.62 28.04
CA LYS A 50 0.83 13.39 26.85
C LYS A 50 -0.41 14.05 26.27
N THR A 51 -0.36 15.38 26.12
CA THR A 51 -1.46 16.10 25.49
C THR A 51 -1.32 16.07 23.98
N SER A 52 -2.47 16.22 23.30
CA SER A 52 -2.52 16.25 21.84
C SER A 52 -2.00 17.56 21.25
N ILE A 53 -1.53 18.49 22.08
CA ILE A 53 -1.01 19.77 21.59
C ILE A 53 0.44 19.60 21.18
N GLU A 54 0.76 20.05 19.97
CA GLU A 54 2.10 19.89 19.43
C GLU A 54 2.28 20.84 18.25
N GLY A 55 3.28 21.72 18.32
CA GLY A 55 3.52 22.67 17.26
C GLY A 55 4.73 23.54 17.49
N THR A 56 4.69 24.76 16.95
CA THR A 56 5.80 25.69 17.08
C THR A 56 5.67 26.51 18.35
N PHE A 57 6.81 26.72 19.02
CA PHE A 57 6.85 27.40 20.31
C PHE A 57 7.29 28.85 20.09
N PHE A 58 6.45 29.79 20.49
CA PHE A 58 6.71 31.22 20.37
C PHE A 58 6.81 31.82 21.77
N LEU A 59 8.01 32.20 22.17
CA LEU A 59 8.20 32.92 23.43
C LEU A 59 7.81 34.37 23.20
N VAL A 60 6.72 34.81 23.83
CA VAL A 60 6.10 36.08 23.48
C VAL A 60 6.06 37.00 24.70
N LYS A 61 6.03 38.30 24.43
CA LYS A 61 5.96 39.32 25.47
C LYS A 61 4.67 40.11 25.32
N ASP A 62 3.97 40.32 26.43
CA ASP A 62 2.67 40.96 26.44
C ASP A 62 2.82 42.49 26.36
N GLN A 63 1.69 43.16 26.10
CA GLN A 63 1.68 44.61 26.14
C GLN A 63 2.03 45.14 27.53
N ARG A 64 1.68 44.39 28.57
CA ARG A 64 2.03 44.71 29.95
C ARG A 64 3.42 44.23 30.33
N ALA A 65 4.28 43.96 29.34
CA ALA A 65 5.62 43.42 29.50
C ALA A 65 5.64 42.03 30.14
N ARG A 66 4.49 41.36 30.19
CA ARG A 66 4.46 40.00 30.72
C ARG A 66 5.05 39.03 29.70
N VAL A 67 5.76 38.03 30.20
CA VAL A 67 6.45 37.06 29.35
C VAL A 67 5.68 35.75 29.41
N GLY A 68 5.09 35.35 28.29
CA GLY A 68 4.42 34.07 28.18
C GLY A 68 4.86 33.32 26.94
N TYR A 69 4.09 32.33 26.52
CA TYR A 69 4.44 31.58 25.32
C TYR A 69 3.18 31.08 24.63
N VAL A 70 3.24 31.02 23.31
CA VAL A 70 2.15 30.54 22.46
C VAL A 70 2.64 29.35 21.66
N ILE A 71 1.77 28.36 21.49
CA ILE A 71 2.10 27.15 20.74
C ILE A 71 0.99 26.94 19.70
N LEU A 72 1.31 27.19 18.44
CA LEU A 72 0.37 26.97 17.34
C LEU A 72 0.24 25.47 17.11
N ASN A 73 -0.85 24.89 17.61
CA ASN A 73 -1.02 23.44 17.55
C ASN A 73 -1.22 22.99 16.11
N ARG A 74 -0.47 21.96 15.72
CA ARG A 74 -0.58 21.39 14.39
C ARG A 74 -1.71 20.37 14.27
N ASN A 75 -2.32 19.98 15.39
CA ASN A 75 -3.36 18.96 15.40
C ASN A 75 -4.76 19.52 15.65
N SER A 76 -4.88 20.78 16.06
CA SER A 76 -6.18 21.36 16.38
C SER A 76 -6.05 22.88 16.49
N PRO A 77 -7.12 23.62 16.20
CA PRO A 77 -7.07 25.08 16.39
C PRO A 77 -6.88 25.49 17.84
N GLU A 78 -7.14 24.59 18.78
CA GLU A 78 -6.94 24.87 20.21
C GLU A 78 -5.44 25.00 20.47
N ASN A 79 -4.97 26.24 20.61
CA ASN A 79 -3.57 26.51 20.86
C ASN A 79 -3.31 26.48 22.37
N LEU A 80 -2.08 26.81 22.75
CA LEU A 80 -1.69 26.89 24.15
C LEU A 80 -1.11 28.27 24.41
N TYR A 81 -1.74 29.02 25.31
CA TYR A 81 -1.32 30.37 25.65
C TYR A 81 -1.26 30.45 27.17
N LEU A 82 -0.04 30.40 27.72
CA LEU A 82 0.17 30.50 29.15
C LEU A 82 1.20 31.57 29.45
N PHE A 83 1.00 32.25 30.58
CA PHE A 83 1.92 33.28 31.03
C PHE A 83 2.77 32.76 32.18
N ILE A 84 4.00 33.27 32.26
CA ILE A 84 4.93 32.90 33.32
C ILE A 84 4.97 34.05 34.30
N ASN A 85 4.22 33.93 35.40
CA ASN A 85 4.11 35.02 36.35
C ASN A 85 5.38 35.17 37.18
N HIS A 86 6.06 34.07 37.48
CA HIS A 86 7.27 34.11 38.28
C HIS A 86 8.24 33.05 37.76
N PRO A 87 9.54 33.35 37.71
CA PRO A 87 10.51 32.36 37.24
C PRO A 87 10.64 31.15 38.17
N SER A 88 10.18 31.26 39.42
CA SER A 88 10.22 30.12 40.33
C SER A 88 9.21 29.03 39.97
N ASN A 89 8.38 29.25 38.96
CA ASN A 89 7.41 28.25 38.52
C ASN A 89 7.93 27.38 37.39
N VAL A 90 9.04 27.74 36.77
CA VAL A 90 9.58 27.03 35.61
C VAL A 90 10.87 26.34 36.02
N HIS A 91 10.95 25.03 35.76
CA HIS A 91 12.15 24.24 36.03
C HIS A 91 12.55 23.50 34.76
N LEU A 92 13.77 22.96 34.78
CA LEU A 92 14.32 22.23 33.65
C LEU A 92 14.77 20.85 34.13
N VAL A 93 14.03 19.81 33.74
CA VAL A 93 14.35 18.44 34.11
C VAL A 93 14.50 17.62 32.84
N ASP A 94 15.71 17.08 32.64
CA ASP A 94 16.03 16.25 31.47
C ASP A 94 15.76 17.08 30.22
N ARG A 95 14.94 16.61 29.28
CA ARG A 95 14.59 17.37 28.08
C ARG A 95 13.16 17.89 28.18
N TYR A 96 12.75 18.30 29.38
CA TYR A 96 11.44 18.87 29.61
C TYR A 96 11.58 20.26 30.22
N LEU A 97 10.52 21.05 30.10
CA LEU A 97 10.45 22.40 30.69
C LEU A 97 9.20 22.48 31.56
N ILE A 98 9.35 22.11 32.84
CA ILE A 98 8.21 22.09 33.75
C ILE A 98 7.74 23.51 34.03
N HIS A 99 6.42 23.69 34.13
CA HIS A 99 5.83 24.99 34.42
C HIS A 99 4.61 24.79 35.30
N ARG A 100 4.60 25.42 36.48
CA ARG A 100 3.44 25.36 37.38
C ARG A 100 2.68 26.68 37.28
N THR A 101 1.62 26.69 36.48
CA THR A 101 0.81 27.86 36.27
C THR A 101 -0.53 27.73 36.96
N GLU A 102 -1.18 28.87 37.20
CA GLU A 102 -2.58 28.95 37.67
C GLU A 102 -2.82 28.03 38.87
N ASN A 103 -2.24 28.44 40.00
CA ASN A 103 -2.30 27.69 41.26
C ASN A 103 -1.71 26.31 41.00
N GLN A 104 -2.48 25.23 41.11
CA GLN A 104 -1.95 23.88 40.94
C GLN A 104 -2.21 23.40 39.51
N HIS A 105 -1.16 23.36 38.70
CA HIS A 105 -1.18 22.75 37.38
C HIS A 105 0.27 22.57 36.92
N VAL A 106 0.55 21.45 36.28
CA VAL A 106 1.91 21.12 35.83
C VAL A 106 1.88 20.76 34.36
N VAL A 107 2.52 21.58 33.52
CA VAL A 107 2.66 21.31 32.10
C VAL A 107 4.13 21.08 31.79
N GLY A 108 4.40 20.13 30.89
CA GLY A 108 5.76 19.82 30.50
C GLY A 108 6.01 19.99 29.01
N LEU A 109 6.98 20.82 28.66
CA LEU A 109 7.28 21.13 27.26
C LEU A 109 8.51 20.33 26.80
N TRP A 110 8.29 19.38 25.90
CA TRP A 110 9.37 18.59 25.31
C TRP A 110 9.72 19.19 23.96
N MET A 111 10.90 19.78 23.86
CA MET A 111 11.36 20.44 22.64
C MET A 111 12.22 19.48 21.82
N PHE A 112 12.04 19.54 20.50
CA PHE A 112 12.78 18.64 19.62
C PHE A 112 14.26 18.96 19.61
N ASP A 113 14.61 20.24 19.47
CA ASP A 113 16.01 20.65 19.46
C ASP A 113 16.45 20.90 20.90
N PRO A 114 17.39 20.12 21.43
CA PRO A 114 17.80 20.31 22.83
C PRO A 114 18.40 21.68 23.11
N ASN A 115 19.02 22.30 22.11
CA ASN A 115 19.60 23.63 22.31
C ASN A 115 18.52 24.68 22.54
N ASP A 116 17.33 24.49 21.97
CA ASP A 116 16.25 25.44 22.18
C ASP A 116 15.74 25.43 23.61
N MET A 117 15.77 24.29 24.28
CA MET A 117 15.22 24.19 25.63
C MET A 117 16.01 25.05 26.62
N SER A 118 17.34 24.91 26.62
CA SER A 118 18.15 25.67 27.56
C SER A 118 18.13 27.17 27.23
N ARG A 119 18.10 27.51 25.94
CA ARG A 119 18.07 28.92 25.56
C ARG A 119 16.79 29.58 26.06
N ILE A 120 15.65 28.92 25.85
CA ILE A 120 14.38 29.46 26.33
C ILE A 120 14.37 29.51 27.86
N PHE A 121 14.94 28.49 28.50
CA PHE A 121 14.95 28.44 29.96
C PHE A 121 15.74 29.60 30.57
N ASN A 122 16.87 29.94 29.95
CA ASN A 122 17.67 31.05 30.47
C ASN A 122 16.99 32.39 30.24
N ILE A 123 16.22 32.52 29.16
CA ILE A 123 15.49 33.76 28.92
C ILE A 123 14.32 33.90 29.88
N VAL A 124 13.68 32.78 30.22
CA VAL A 124 12.55 32.82 31.15
C VAL A 124 13.00 33.28 32.53
N LYS A 125 14.20 32.87 32.95
CA LYS A 125 14.73 33.27 34.25
C LYS A 125 15.00 34.76 34.34
N GLU A 126 14.91 35.49 33.24
CA GLU A 126 15.07 36.93 33.21
C GLU A 126 13.69 37.55 32.95
N SER A 127 12.92 37.72 34.01
CA SER A 127 11.54 38.21 33.95
C SER A 127 10.68 37.36 33.01
N MET B 1 -14.19 29.60 16.59
CA MET B 1 -14.26 30.99 17.00
C MET B 1 -12.99 31.74 16.62
N SER B 2 -11.94 30.98 16.27
CA SER B 2 -10.66 31.58 15.92
C SER B 2 -10.68 32.19 14.54
N PHE B 3 -11.14 31.44 13.54
CA PHE B 3 -11.14 31.88 12.14
C PHE B 3 -12.52 32.30 11.66
N THR B 4 -13.38 32.80 12.57
CA THR B 4 -14.72 33.21 12.17
C THR B 4 -14.67 34.40 11.23
N ASN B 5 -13.87 35.41 11.56
CA ASN B 5 -13.72 36.59 10.72
C ASN B 5 -12.30 36.69 10.18
N ALA B 6 -11.88 35.70 9.41
CA ALA B 6 -10.53 35.63 8.86
C ALA B 6 -10.59 35.63 7.34
N THR B 7 -9.82 36.52 6.72
CA THR B 7 -9.74 36.54 5.27
C THR B 7 -8.85 35.38 4.79
N PHE B 8 -8.98 35.06 3.51
CA PHE B 8 -8.22 33.95 2.95
C PHE B 8 -6.72 34.20 2.98
N SER B 9 -6.31 35.47 2.87
CA SER B 9 -4.90 35.78 2.98
C SER B 9 -4.39 35.58 4.41
N GLN B 10 -5.22 35.88 5.40
CA GLN B 10 -4.85 35.64 6.79
C GLN B 10 -4.78 34.16 7.09
N VAL B 11 -5.66 33.36 6.49
CA VAL B 11 -5.63 31.91 6.69
C VAL B 11 -4.33 31.34 6.13
N LEU B 12 -3.92 31.80 4.94
CA LEU B 12 -2.65 31.37 4.38
C LEU B 12 -1.48 31.88 5.20
N ASP B 13 -1.62 33.04 5.85
CA ASP B 13 -0.60 33.52 6.76
C ASP B 13 -0.47 32.59 7.97
N ASP B 14 -1.60 32.18 8.54
CA ASP B 14 -1.57 31.30 9.71
C ASP B 14 -0.98 29.94 9.37
N LEU B 15 -1.49 29.29 8.32
CA LEU B 15 -1.01 27.97 7.95
C LEU B 15 0.47 27.99 7.57
N SER B 16 0.95 29.13 7.05
CA SER B 16 2.36 29.23 6.69
C SER B 16 3.25 29.19 7.94
N ALA B 17 2.97 30.05 8.92
CA ALA B 17 3.77 30.08 10.13
C ALA B 17 3.53 28.85 11.00
N ARG B 18 2.33 28.26 10.93
CA ARG B 18 2.02 27.13 11.79
C ARG B 18 2.67 25.83 11.32
N PHE B 19 2.85 25.66 10.01
CA PHE B 19 3.28 24.38 9.46
C PHE B 19 4.61 24.41 8.73
N ILE B 20 4.85 25.41 7.88
CA ILE B 20 5.96 25.33 6.93
C ILE B 20 7.05 26.38 7.17
N LEU B 21 6.77 27.45 7.92
CA LEU B 21 7.74 28.54 8.01
C LEU B 21 8.77 28.34 9.12
N ASN B 22 8.41 27.65 10.20
CA ASN B 22 9.28 27.54 11.37
C ASN B 22 9.97 26.20 11.48
N LEU B 23 10.02 25.43 10.40
CA LEU B 23 10.79 24.21 10.39
C LEU B 23 12.28 24.52 10.48
N PRO B 24 13.09 23.59 10.98
CA PRO B 24 14.54 23.79 11.00
C PRO B 24 15.09 23.92 9.59
N ALA B 25 16.39 24.26 9.52
CA ALA B 25 17.02 24.54 8.23
C ALA B 25 16.98 23.32 7.31
N GLU B 26 17.33 22.15 7.84
CA GLU B 26 17.41 20.95 6.99
C GLU B 26 16.04 20.45 6.57
N GLU B 27 15.00 20.71 7.37
CA GLU B 27 13.67 20.22 7.04
C GLU B 27 13.03 21.03 5.92
N GLN B 28 13.27 22.34 5.89
CA GLN B 28 12.70 23.17 4.83
C GLN B 28 13.30 22.84 3.46
N SER B 29 14.57 22.44 3.44
CA SER B 29 15.23 22.06 2.19
C SER B 29 14.80 20.68 1.70
N SER B 30 14.07 19.91 2.50
CA SER B 30 13.62 18.59 2.10
C SER B 30 12.26 18.68 1.41
N VAL B 31 12.18 18.11 0.21
CA VAL B 31 10.90 18.11 -0.51
C VAL B 31 9.88 17.25 0.21
N GLU B 32 10.30 16.11 0.75
CA GLU B 32 9.39 15.22 1.46
C GLU B 32 8.81 15.89 2.69
N ARG B 33 9.67 16.55 3.48
CA ARG B 33 9.21 17.20 4.70
C ARG B 33 8.36 18.43 4.40
N LEU B 34 8.73 19.19 3.35
CA LEU B 34 7.94 20.36 2.98
C LEU B 34 6.58 19.95 2.42
N CYS B 35 6.54 18.87 1.65
CA CYS B 35 5.26 18.37 1.14
C CYS B 35 4.41 17.80 2.27
N PHE B 36 5.06 17.16 3.26
CA PHE B 36 4.30 16.57 4.37
C PHE B 36 3.57 17.64 5.16
N GLN B 37 4.21 18.80 5.38
CA GLN B 37 3.56 19.86 6.14
C GLN B 37 2.45 20.52 5.33
N ILE B 38 2.63 20.61 4.02
CA ILE B 38 1.58 21.22 3.18
C ILE B 38 0.34 20.34 3.18
N GLU B 39 0.51 19.02 3.12
CA GLU B 39 -0.63 18.12 3.21
C GLU B 39 -1.32 18.26 4.56
N GLN B 40 -0.54 18.45 5.63
CA GLN B 40 -1.14 18.69 6.94
C GLN B 40 -1.84 20.04 6.98
N ALA B 41 -1.25 21.06 6.34
CA ALA B 41 -1.88 22.36 6.30
C ALA B 41 -3.17 22.32 5.49
N HIS B 42 -3.21 21.51 4.43
CA HIS B 42 -4.43 21.36 3.65
C HIS B 42 -5.53 20.70 4.47
N TRP B 43 -5.19 19.62 5.18
CA TRP B 43 -6.18 18.96 6.04
C TRP B 43 -6.62 19.88 7.16
N PHE B 44 -5.69 20.65 7.74
CA PHE B 44 -6.06 21.61 8.79
C PHE B 44 -6.98 22.68 8.24
N TYR B 45 -6.79 23.08 6.98
CA TYR B 45 -7.66 24.08 6.37
C TYR B 45 -9.05 23.51 6.08
N GLU B 46 -9.11 22.28 5.58
CA GLU B 46 -10.40 21.69 5.20
C GLU B 46 -11.20 21.26 6.41
N ASP B 47 -10.56 20.65 7.41
CA ASP B 47 -11.29 20.04 8.51
C ASP B 47 -11.66 21.05 9.60
N PHE B 48 -10.81 22.04 9.84
CA PHE B 48 -10.99 22.96 10.96
C PHE B 48 -11.33 24.38 10.52
N ILE B 49 -10.54 24.96 9.62
CA ILE B 49 -10.68 26.38 9.32
C ILE B 49 -11.96 26.66 8.54
N ARG B 50 -12.30 25.77 7.59
CA ARG B 50 -13.52 25.97 6.82
C ARG B 50 -14.77 25.83 7.67
N ALA B 51 -14.72 25.00 8.71
CA ALA B 51 -15.88 24.82 9.58
C ALA B 51 -16.19 26.10 10.37
N GLN B 52 -15.19 26.91 10.65
CA GLN B 52 -15.38 28.16 11.37
C GLN B 52 -15.74 29.33 10.47
N ASN B 53 -15.57 29.19 9.15
CA ASN B 53 -15.89 30.27 8.22
C ASN B 53 -16.33 29.64 6.91
N ASP B 54 -17.64 29.67 6.63
CA ASP B 54 -18.16 29.11 5.39
C ASP B 54 -17.73 29.90 4.17
N GLN B 55 -17.29 31.15 4.34
CA GLN B 55 -16.87 31.97 3.21
C GLN B 55 -15.62 31.43 2.53
N LEU B 56 -14.82 30.64 3.23
CA LEU B 56 -13.59 30.11 2.64
C LEU B 56 -13.92 28.94 1.72
N PRO B 57 -13.30 28.89 0.54
CA PRO B 57 -13.62 27.84 -0.42
C PRO B 57 -12.94 26.52 -0.08
N SER B 58 -13.56 25.44 -0.54
CA SER B 58 -12.96 24.12 -0.42
C SER B 58 -12.03 23.89 -1.62
N LEU B 59 -10.80 23.49 -1.33
CA LEU B 59 -9.78 23.34 -2.35
C LEU B 59 -9.19 21.93 -2.32
N GLY B 60 -8.63 21.53 -3.45
CA GLY B 60 -7.89 20.28 -3.52
C GLY B 60 -6.46 20.46 -3.05
N LEU B 61 -5.79 19.32 -2.86
CA LEU B 61 -4.41 19.35 -2.36
C LEU B 61 -3.50 20.11 -3.32
N ARG B 62 -3.60 19.83 -4.61
CA ARG B 62 -2.73 20.50 -5.58
C ARG B 62 -3.09 21.97 -5.76
N VAL B 63 -4.38 22.31 -5.64
CA VAL B 63 -4.77 23.70 -5.75
C VAL B 63 -4.37 24.49 -4.51
N PHE B 64 -4.56 23.90 -3.33
CA PHE B 64 -4.17 24.56 -2.10
C PHE B 64 -2.66 24.79 -2.04
N SER B 65 -1.88 23.83 -2.54
CA SER B 65 -0.43 23.98 -2.54
C SER B 65 0.01 25.14 -3.44
N ALA B 66 -0.65 25.30 -4.59
CA ALA B 66 -0.25 26.35 -5.53
C ALA B 66 -0.51 27.74 -4.94
N LYS B 67 -1.66 27.93 -4.29
CA LYS B 67 -1.96 29.23 -3.71
C LYS B 67 -1.07 29.55 -2.52
N LEU B 68 -0.68 28.53 -1.74
CA LEU B 68 0.18 28.77 -0.59
C LEU B 68 1.59 29.17 -1.01
N PHE B 69 2.09 28.59 -2.11
CA PHE B 69 3.42 28.93 -2.58
C PHE B 69 3.50 30.38 -3.06
N ALA B 70 2.54 30.79 -3.89
CA ALA B 70 2.52 32.17 -4.37
C ALA B 70 2.23 33.15 -3.25
N HIS B 71 1.63 32.69 -2.15
CA HIS B 71 1.31 33.57 -1.04
C HIS B 71 2.55 33.99 -0.28
N CYS B 72 3.49 33.06 -0.08
CA CYS B 72 4.68 33.32 0.72
C CYS B 72 5.89 33.51 -0.19
N PRO B 73 6.50 34.69 -0.21
CA PRO B 73 7.68 34.89 -1.06
C PRO B 73 8.90 34.13 -0.59
N LEU B 74 8.93 33.66 0.66
CA LEU B 74 10.07 32.87 1.14
C LEU B 74 10.19 31.55 0.39
N LEU B 75 9.10 31.06 -0.19
CA LEU B 75 9.13 29.84 -0.99
C LEU B 75 9.30 30.10 -2.47
N TRP B 76 9.30 31.37 -2.90
CA TRP B 76 9.48 31.68 -4.31
C TRP B 76 10.87 31.29 -4.79
N LYS B 77 11.89 31.47 -3.94
CA LYS B 77 13.22 30.99 -4.28
C LYS B 77 13.25 29.48 -4.36
N TRP B 78 12.54 28.80 -3.46
CA TRP B 78 12.54 27.34 -3.43
C TRP B 78 11.75 26.76 -4.59
N SER B 79 10.51 27.23 -4.77
CA SER B 79 9.63 26.66 -5.79
C SER B 79 10.11 26.94 -7.21
N LYS B 80 11.01 27.90 -7.40
CA LYS B 80 11.49 28.21 -8.74
C LYS B 80 12.50 27.19 -9.24
N VAL B 81 13.29 26.61 -8.33
CA VAL B 81 14.33 25.65 -8.74
C VAL B 81 13.85 24.23 -8.50
N HIS B 82 13.06 24.03 -7.44
CA HIS B 82 12.50 22.72 -7.12
C HIS B 82 11.05 22.57 -7.58
N GLU B 83 10.70 23.18 -8.72
CA GLU B 83 9.33 23.09 -9.21
C GLU B 83 9.01 21.69 -9.69
N GLU B 84 9.82 21.15 -10.60
CA GLU B 84 9.52 19.86 -11.19
C GLU B 84 9.66 18.73 -10.19
N ALA B 85 10.62 18.84 -9.26
CA ALA B 85 10.80 17.79 -8.27
C ALA B 85 9.64 17.76 -7.27
N PHE B 86 9.05 18.91 -6.96
CA PHE B 86 7.93 18.94 -6.02
C PHE B 86 6.62 18.50 -6.67
N ASP B 87 6.35 18.94 -7.90
CA ASP B 87 5.13 18.55 -8.58
C ASP B 87 5.09 17.05 -8.85
N ASP B 88 6.24 16.47 -9.19
CA ASP B 88 6.29 15.01 -9.38
C ASP B 88 6.08 14.28 -8.06
N PHE B 89 6.60 14.83 -6.96
CA PHE B 89 6.43 14.19 -5.66
C PHE B 89 5.00 14.35 -5.16
N LEU B 90 4.40 15.52 -5.36
CA LEU B 90 3.05 15.74 -4.87
C LEU B 90 2.03 14.85 -5.58
N ARG B 91 2.30 14.47 -6.82
CA ARG B 91 1.38 13.62 -7.58
C ARG B 91 1.64 12.13 -7.36
N TYR B 92 2.92 11.73 -7.35
CA TYR B 92 3.32 10.33 -7.35
C TYR B 92 3.69 9.80 -5.97
N LYS B 93 3.48 10.59 -4.91
CA LYS B 93 3.83 10.15 -3.58
C LYS B 93 3.01 8.92 -3.19
N THR B 94 3.67 7.95 -2.57
CA THR B 94 2.98 6.77 -2.06
C THR B 94 2.15 7.18 -0.85
N ARG B 95 0.83 7.11 -0.98
CA ARG B 95 -0.08 7.49 0.08
C ARG B 95 -0.89 6.28 0.51
N ILE B 96 -1.32 6.30 1.78
CA ILE B 96 -2.02 5.18 2.38
C ILE B 96 -3.44 5.11 1.83
N PRO B 97 -3.82 4.03 1.15
CA PRO B 97 -5.20 3.90 0.65
C PRO B 97 -6.13 3.55 1.79
N VAL B 98 -7.13 4.41 2.03
CA VAL B 98 -8.14 4.19 3.05
C VAL B 98 -9.50 4.15 2.39
N ARG B 99 -10.28 3.13 2.71
CA ARG B 99 -11.61 2.95 2.14
C ARG B 99 -12.65 2.96 3.26
N GLY B 100 -13.82 3.51 2.96
CA GLY B 100 -14.89 3.58 3.92
C GLY B 100 -16.26 3.59 3.28
N ALA B 101 -17.26 4.13 3.97
CA ALA B 101 -18.61 4.18 3.44
C ALA B 101 -19.39 5.28 4.13
N ILE B 102 -20.21 5.99 3.36
CA ILE B 102 -21.12 7.00 3.89
C ILE B 102 -22.53 6.42 3.82
N MET B 103 -22.95 5.74 4.89
CA MET B 103 -24.25 5.09 4.91
C MET B 103 -25.34 6.12 5.20
N LEU B 104 -26.24 6.32 4.24
CA LEU B 104 -27.34 7.25 4.36
C LEU B 104 -28.65 6.50 4.56
N ASP B 105 -29.64 7.19 5.11
CA ASP B 105 -30.95 6.61 5.32
C ASP B 105 -31.73 6.63 4.01
N MET B 106 -33.01 6.23 4.06
CA MET B 106 -33.82 6.23 2.85
C MET B 106 -34.10 7.64 2.36
N SER B 107 -34.23 8.60 3.28
CA SER B 107 -34.48 10.00 2.92
C SER B 107 -33.21 10.75 2.57
N MET B 108 -32.04 10.14 2.78
CA MET B 108 -30.74 10.74 2.45
C MET B 108 -30.54 12.07 3.16
N GLN B 109 -30.93 12.13 4.44
CA GLN B 109 -30.67 13.29 5.28
C GLN B 109 -30.11 12.90 6.64
N GLN B 110 -29.75 11.64 6.84
CA GLN B 110 -29.13 11.18 8.06
C GLN B 110 -28.06 10.15 7.69
N CYS B 111 -26.89 10.26 8.30
CA CYS B 111 -25.77 9.39 8.00
C CYS B 111 -25.25 8.73 9.28
N VAL B 112 -24.52 7.65 9.10
CA VAL B 112 -23.97 6.88 10.21
C VAL B 112 -22.55 7.38 10.50
N LEU B 113 -22.34 7.86 11.72
CA LEU B 113 -21.03 8.31 12.18
C LEU B 113 -20.58 7.43 13.34
N VAL B 114 -19.26 7.29 13.47
CA VAL B 114 -18.67 6.45 14.50
C VAL B 114 -17.66 7.28 15.28
N LYS B 115 -17.54 6.98 16.58
CA LYS B 115 -16.67 7.71 17.48
C LYS B 115 -15.81 6.73 18.27
N GLY B 116 -14.58 7.13 18.56
CA GLY B 116 -13.65 6.32 19.30
C GLY B 116 -13.81 6.48 20.80
N TRP B 117 -12.82 5.96 21.53
CA TRP B 117 -12.82 6.00 22.99
C TRP B 117 -12.03 7.18 23.56
N LYS B 118 -11.06 7.70 22.82
CA LYS B 118 -10.26 8.82 23.31
C LYS B 118 -11.14 10.05 23.52
N ALA B 119 -10.75 10.87 24.51
CA ALA B 119 -11.54 12.06 24.83
C ALA B 119 -11.57 13.03 23.65
N SER B 120 -10.47 13.12 22.90
CA SER B 120 -10.40 14.01 21.75
C SER B 120 -10.76 13.32 20.44
N SER B 121 -11.16 12.05 20.48
CA SER B 121 -11.56 11.34 19.27
C SER B 121 -12.89 11.89 18.79
N GLY B 122 -12.90 12.47 17.60
CA GLY B 122 -14.12 13.03 17.04
C GLY B 122 -14.87 12.05 16.16
N TRP B 123 -16.08 12.45 15.77
CA TRP B 123 -16.90 11.62 14.92
C TRP B 123 -16.34 11.58 13.50
N GLY B 124 -16.50 10.42 12.85
CA GLY B 124 -16.01 10.26 11.50
C GLY B 124 -16.74 9.13 10.81
N PHE B 125 -16.51 9.04 9.50
CA PHE B 125 -17.12 7.96 8.74
C PHE B 125 -16.33 6.67 8.94
N PRO B 126 -17.01 5.52 8.97
CA PRO B 126 -16.29 4.25 9.17
C PRO B 126 -15.33 3.94 8.03
N LYS B 127 -14.04 4.09 8.29
CA LYS B 127 -13.01 3.89 7.27
C LYS B 127 -11.80 3.22 7.93
N GLY B 128 -10.84 2.86 7.10
CA GLY B 128 -9.64 2.22 7.60
C GLY B 128 -8.69 1.88 6.47
N LYS B 129 -7.45 1.60 6.85
CA LYS B 129 -6.42 1.29 5.88
C LYS B 129 -6.70 -0.04 5.19
N ILE B 130 -6.18 -0.17 3.97
CA ILE B 130 -6.40 -1.36 3.16
C ILE B 130 -5.31 -2.38 3.46
N ASP B 131 -5.64 -3.66 3.30
CA ASP B 131 -4.68 -4.73 3.49
C ASP B 131 -4.04 -5.11 2.16
N LYS B 132 -3.05 -5.99 2.23
CA LYS B 132 -2.33 -6.43 1.04
C LYS B 132 -3.23 -7.30 0.17
N ASP B 133 -3.18 -7.07 -1.14
CA ASP B 133 -3.95 -7.81 -2.13
C ASP B 133 -5.45 -7.70 -1.90
N GLU B 134 -5.90 -6.67 -1.19
CA GLU B 134 -7.32 -6.47 -0.91
C GLU B 134 -7.90 -5.50 -1.92
N SER B 135 -9.16 -5.72 -2.28
CA SER B 135 -9.85 -4.86 -3.23
C SER B 135 -10.37 -3.61 -2.54
N ASP B 136 -10.61 -2.57 -3.34
CA ASP B 136 -11.17 -1.33 -2.81
C ASP B 136 -12.54 -1.57 -2.18
N VAL B 137 -13.39 -2.35 -2.84
CA VAL B 137 -14.72 -2.64 -2.31
C VAL B 137 -14.63 -3.56 -1.11
N ASP B 138 -13.73 -4.54 -1.16
CA ASP B 138 -13.59 -5.47 -0.05
C ASP B 138 -13.10 -4.77 1.22
N CYS B 139 -12.23 -3.78 1.06
CA CYS B 139 -11.73 -3.05 2.23
C CYS B 139 -12.84 -2.23 2.87
N ALA B 140 -13.68 -1.58 2.05
CA ALA B 140 -14.78 -0.79 2.60
C ALA B 140 -15.79 -1.67 3.32
N ILE B 141 -16.06 -2.86 2.79
CA ILE B 141 -16.99 -3.77 3.44
C ILE B 141 -16.42 -4.25 4.77
N ARG B 142 -15.12 -4.52 4.82
CA ARG B 142 -14.49 -5.03 6.04
C ARG B 142 -14.49 -3.96 7.13
N GLU B 143 -14.12 -2.73 6.79
CA GLU B 143 -14.05 -1.68 7.79
C GLU B 143 -15.42 -1.34 8.35
N VAL B 144 -16.46 -1.38 7.51
CA VAL B 144 -17.81 -1.12 8.00
C VAL B 144 -18.29 -2.24 8.89
N TYR B 145 -18.03 -3.49 8.51
CA TYR B 145 -18.46 -4.63 9.32
C TYR B 145 -17.71 -4.68 10.65
N GLU B 146 -16.45 -4.24 10.67
CA GLU B 146 -15.67 -4.29 11.90
C GLU B 146 -16.06 -3.14 12.84
N GLU B 147 -16.28 -1.95 12.31
CA GLU B 147 -16.52 -0.78 13.13
C GLU B 147 -18.00 -0.53 13.41
N THR B 148 -18.90 -1.15 12.65
CA THR B 148 -20.33 -0.96 12.86
C THR B 148 -21.12 -2.26 12.99
N GLY B 149 -20.57 -3.40 12.58
CA GLY B 149 -21.30 -4.64 12.61
C GLY B 149 -22.26 -4.86 11.47
N PHE B 150 -22.44 -3.88 10.60
CA PHE B 150 -23.36 -4.00 9.46
C PHE B 150 -22.62 -4.49 8.23
N ASP B 151 -23.21 -5.44 7.53
CA ASP B 151 -22.63 -6.03 6.32
C ASP B 151 -23.28 -5.37 5.11
N CYS B 152 -22.55 -4.45 4.48
CA CYS B 152 -23.01 -3.75 3.29
C CYS B 152 -22.56 -4.41 2.00
N SER B 153 -22.32 -5.72 2.01
CA SER B 153 -21.85 -6.40 0.82
C SER B 153 -22.89 -6.37 -0.29
N SER B 154 -24.17 -6.51 0.07
CA SER B 154 -25.25 -6.57 -0.90
C SER B 154 -25.71 -5.18 -1.37
N ARG B 155 -25.17 -4.11 -0.80
CA ARG B 155 -25.64 -2.76 -1.12
C ARG B 155 -24.57 -1.82 -1.64
N ILE B 156 -23.29 -2.12 -1.41
CA ILE B 156 -22.23 -1.18 -1.82
C ILE B 156 -22.11 -1.18 -3.34
N ASN B 157 -21.93 0.02 -3.90
CA ASN B 157 -21.79 0.19 -5.34
C ASN B 157 -20.40 0.72 -5.66
N PRO B 158 -19.61 0.03 -6.47
CA PRO B 158 -18.24 0.49 -6.75
C PRO B 158 -18.16 1.79 -7.53
N ASN B 159 -19.28 2.30 -8.04
CA ASN B 159 -19.26 3.52 -8.85
C ASN B 159 -19.77 4.74 -8.10
N GLU B 160 -20.46 4.56 -6.97
CA GLU B 160 -21.00 5.67 -6.19
C GLU B 160 -20.08 5.87 -4.98
N PHE B 161 -19.21 6.87 -5.05
CA PHE B 161 -18.24 7.11 -4.00
C PHE B 161 -17.75 8.55 -4.10
N ILE B 162 -16.98 8.96 -3.09
CA ILE B 162 -16.29 10.24 -3.07
C ILE B 162 -14.82 9.96 -2.80
N ASP B 163 -13.97 10.28 -3.76
CA ASP B 163 -12.54 10.04 -3.66
C ASP B 163 -11.81 11.35 -3.45
N MET B 164 -10.87 11.37 -2.51
CA MET B 164 -10.15 12.58 -2.16
C MET B 164 -8.87 12.22 -1.43
N THR B 165 -7.78 12.90 -1.78
CA THR B 165 -6.50 12.75 -1.10
C THR B 165 -6.39 13.84 -0.06
N ILE B 166 -6.33 13.45 1.22
CA ILE B 166 -6.29 14.41 2.32
C ILE B 166 -5.39 13.85 3.42
N ARG B 167 -4.50 14.69 3.93
CA ARG B 167 -3.58 14.34 5.02
C ARG B 167 -2.76 13.10 4.66
N GLY B 168 -2.28 13.05 3.43
CA GLY B 168 -1.43 11.96 3.00
C GLY B 168 -2.12 10.63 2.87
N GLN B 169 -3.43 10.63 2.59
CA GLN B 169 -4.19 9.40 2.47
C GLN B 169 -5.11 9.49 1.26
N ASN B 170 -5.10 8.45 0.42
CA ASN B 170 -6.04 8.33 -0.68
C ASN B 170 -7.33 7.74 -0.13
N VAL B 171 -8.28 8.61 0.20
CA VAL B 171 -9.53 8.20 0.84
C VAL B 171 -10.62 8.09 -0.21
N ARG B 172 -11.35 6.98 -0.19
CA ARG B 172 -12.51 6.77 -1.05
C ARG B 172 -13.64 6.21 -0.19
N LEU B 173 -14.69 7.01 0.00
CA LEU B 173 -15.84 6.64 0.80
C LEU B 173 -17.00 6.32 -0.13
N TYR B 174 -17.45 5.06 -0.11
CA TYR B 174 -18.55 4.64 -0.96
C TYR B 174 -19.88 5.07 -0.36
N ILE B 175 -20.68 5.79 -1.14
CA ILE B 175 -21.96 6.29 -0.68
C ILE B 175 -23.00 5.17 -0.78
N ILE B 176 -23.60 4.82 0.34
CA ILE B 176 -24.60 3.76 0.39
C ILE B 176 -25.89 4.30 0.99
N PRO B 177 -26.88 4.67 0.19
CA PRO B 177 -28.14 5.16 0.73
C PRO B 177 -29.17 4.04 0.89
N GLY B 178 -30.20 4.33 1.67
CA GLY B 178 -31.26 3.38 1.93
C GLY B 178 -31.03 2.48 3.11
N ILE B 179 -30.14 2.84 4.02
CA ILE B 179 -29.89 2.03 5.21
C ILE B 179 -31.04 2.24 6.19
N SER B 180 -31.59 1.14 6.70
CA SER B 180 -32.69 1.22 7.64
C SER B 180 -32.26 1.88 8.94
N LEU B 181 -33.09 2.80 9.44
CA LEU B 181 -32.77 3.49 10.69
C LEU B 181 -32.90 2.57 11.89
N ASP B 182 -33.62 1.45 11.76
CA ASP B 182 -33.78 0.49 12.84
C ASP B 182 -32.66 -0.54 12.87
N THR B 183 -31.58 -0.31 12.14
CA THR B 183 -30.46 -1.25 12.12
C THR B 183 -29.72 -1.21 13.45
N ARG B 184 -29.53 -2.39 14.05
CA ARG B 184 -28.82 -2.52 15.32
C ARG B 184 -27.33 -2.62 15.04
N PHE B 185 -26.59 -1.55 15.32
CA PHE B 185 -25.15 -1.52 15.08
C PHE B 185 -24.43 -2.03 16.33
N GLU B 186 -23.73 -3.14 16.20
CA GLU B 186 -22.96 -3.73 17.29
C GLU B 186 -21.54 -3.95 16.81
N SER B 187 -20.62 -3.10 17.26
CA SER B 187 -19.21 -3.18 16.88
C SER B 187 -18.43 -4.13 17.78
N ARG B 188 -18.96 -5.34 17.96
CA ARG B 188 -18.28 -6.34 18.77
C ARG B 188 -16.95 -6.77 18.13
N THR B 189 -16.79 -6.57 16.83
CA THR B 189 -15.57 -6.98 16.15
C THR B 189 -14.38 -6.14 16.60
N ARG B 190 -14.55 -4.82 16.71
CA ARG B 190 -13.48 -3.91 17.09
C ARG B 190 -13.91 -3.12 18.32
N LYS B 191 -13.11 -3.20 19.38
CA LYS B 191 -13.37 -2.50 20.63
C LYS B 191 -12.61 -1.18 20.72
N GLU B 192 -12.29 -0.57 19.58
CA GLU B 192 -11.62 0.72 19.54
C GLU B 192 -12.57 1.86 19.21
N ILE B 193 -13.86 1.59 19.05
CA ILE B 193 -14.90 2.59 18.84
C ILE B 193 -15.88 2.51 19.98
N SER B 194 -16.48 3.64 20.33
CA SER B 194 -17.41 3.72 21.45
C SER B 194 -18.88 3.76 21.01
N LYS B 195 -19.26 4.78 20.25
CA LYS B 195 -20.67 5.00 19.91
C LYS B 195 -20.87 4.99 18.40
N ILE B 196 -22.07 4.58 18.00
CA ILE B 196 -22.50 4.56 16.60
C ILE B 196 -23.92 5.13 16.56
N GLU B 197 -24.06 6.35 16.06
CA GLU B 197 -25.34 7.04 16.10
C GLU B 197 -25.58 7.74 14.76
N TRP B 198 -26.85 7.82 14.38
CA TRP B 198 -27.23 8.56 13.18
C TRP B 198 -27.15 10.05 13.44
N HIS B 199 -26.53 10.78 12.51
CA HIS B 199 -26.39 12.22 12.60
C HIS B 199 -27.12 12.88 11.44
N ASN B 200 -27.93 13.88 11.76
CA ASN B 200 -28.59 14.65 10.71
C ASN B 200 -27.55 15.44 9.93
N LEU B 201 -27.61 15.35 8.60
CA LEU B 201 -26.63 16.03 7.76
C LEU B 201 -26.69 17.54 7.97
N MET B 202 -27.89 18.08 8.19
CA MET B 202 -28.03 19.53 8.39
C MET B 202 -27.31 20.00 9.64
N ASP B 203 -27.05 19.11 10.60
CA ASP B 203 -26.36 19.51 11.82
C ASP B 203 -24.85 19.58 11.67
N LEU B 204 -24.29 19.04 10.59
CA LEU B 204 -22.85 19.17 10.38
C LEU B 204 -22.51 20.58 9.88
N PRO B 205 -21.28 21.05 10.13
CA PRO B 205 -20.97 22.47 9.91
C PRO B 205 -21.24 23.02 8.51
N THR B 206 -20.58 22.48 7.50
CA THR B 206 -20.59 23.06 6.16
C THR B 206 -21.76 22.60 5.30
N PHE B 207 -22.60 21.68 5.79
CA PHE B 207 -23.70 21.17 4.96
C PHE B 207 -24.78 22.23 4.73
N LYS B 208 -25.07 23.05 5.74
CA LYS B 208 -26.19 23.99 5.71
C LYS B 208 -25.69 25.41 6.00
N LYS B 209 -25.36 26.13 4.92
CA LYS B 209 -24.81 27.48 5.08
C LYS B 209 -25.84 28.42 5.71
N ASN B 210 -27.13 28.15 5.52
CA ASN B 210 -28.16 29.01 6.10
C ASN B 210 -28.24 28.83 7.62
N LYS B 211 -28.08 27.59 8.09
CA LYS B 211 -28.16 27.33 9.52
C LYS B 211 -26.98 27.94 10.27
N PRO B 212 -27.20 28.42 11.50
CA PRO B 212 -26.09 28.95 12.30
C PRO B 212 -25.11 27.84 12.66
N GLN B 213 -23.85 28.02 12.28
CA GLN B 213 -22.83 27.00 12.51
C GLN B 213 -22.49 26.96 13.99
N THR B 214 -22.99 25.94 14.68
CA THR B 214 -22.57 25.63 16.04
C THR B 214 -21.88 24.27 16.02
N MET B 215 -20.61 24.25 16.43
CA MET B 215 -19.79 23.06 16.39
C MET B 215 -19.51 22.58 17.82
N LYS B 216 -20.54 21.98 18.42
CA LYS B 216 -20.37 21.48 19.79
C LYS B 216 -19.67 20.12 19.81
N ASN B 217 -19.88 19.28 18.82
CA ASN B 217 -19.23 18.00 18.74
C ASN B 217 -18.08 18.05 17.73
N LYS B 218 -17.06 17.23 17.98
CA LYS B 218 -15.89 17.17 17.13
C LYS B 218 -16.12 16.23 15.96
N PHE B 219 -15.62 16.62 14.79
CA PHE B 219 -15.68 15.82 13.58
C PHE B 219 -14.29 15.72 12.96
N TYR B 220 -13.93 14.50 12.54
CA TYR B 220 -12.63 14.24 11.94
C TYR B 220 -12.83 13.68 10.54
N MET B 221 -12.36 14.40 9.54
CA MET B 221 -12.47 14.01 8.13
C MET B 221 -13.93 13.77 7.74
N VAL B 222 -14.79 14.72 8.11
CA VAL B 222 -16.19 14.69 7.74
C VAL B 222 -16.60 15.93 6.94
N ILE B 223 -16.05 17.09 7.31
CA ILE B 223 -16.38 18.33 6.60
C ILE B 223 -15.99 18.29 5.13
N PRO B 224 -14.77 17.89 4.75
CA PRO B 224 -14.40 17.94 3.32
C PRO B 224 -15.27 17.09 2.42
N PHE B 225 -15.91 16.04 2.96
CA PHE B 225 -16.79 15.19 2.16
C PHE B 225 -18.21 15.72 2.07
N LEU B 226 -18.54 16.80 2.78
CA LEU B 226 -19.92 17.29 2.77
C LEU B 226 -20.24 18.00 1.45
N ALA B 227 -19.30 18.75 0.90
CA ALA B 227 -19.54 19.43 -0.36
C ALA B 227 -19.83 18.45 -1.50
N PRO B 228 -19.04 17.39 -1.70
CA PRO B 228 -19.43 16.41 -2.73
C PRO B 228 -20.67 15.61 -2.38
N LEU B 229 -20.87 15.30 -1.11
CA LEU B 229 -22.05 14.53 -0.71
C LEU B 229 -23.32 15.34 -0.91
N LYS B 230 -23.27 16.65 -0.62
CA LYS B 230 -24.43 17.50 -0.88
C LYS B 230 -24.75 17.54 -2.37
N LYS B 231 -23.72 17.63 -3.21
CA LYS B 231 -23.92 17.58 -4.65
C LYS B 231 -24.40 16.21 -5.10
N TRP B 232 -23.96 15.15 -4.43
CA TRP B 232 -24.37 13.80 -4.81
C TRP B 232 -25.84 13.55 -4.50
N ILE B 233 -26.29 13.95 -3.31
CA ILE B 233 -27.69 13.76 -2.95
C ILE B 233 -28.59 14.65 -3.80
N LYS B 234 -28.11 15.82 -4.20
CA LYS B 234 -28.92 16.70 -5.04
C LYS B 234 -29.17 16.08 -6.41
N LYS B 235 -28.19 15.36 -6.95
CA LYS B 235 -28.36 14.72 -8.24
C LYS B 235 -29.19 13.45 -8.14
N ARG B 236 -29.17 12.78 -6.99
CA ARG B 236 -29.94 11.55 -6.84
C ARG B 236 -31.43 11.85 -6.70
N ASN B 237 -31.77 12.90 -5.94
CA ASN B 237 -33.17 13.29 -5.80
C ASN B 237 -33.74 13.78 -7.12
N ILE B 238 -32.92 14.39 -7.97
CA ILE B 238 -33.38 14.77 -9.30
C ILE B 238 -33.53 13.54 -10.19
N ALA B 239 -32.57 12.62 -10.12
CA ALA B 239 -32.66 11.40 -10.92
C ALA B 239 -33.79 10.49 -10.45
N ASN B 240 -34.11 10.50 -9.17
CA ASN B 240 -35.24 9.72 -8.68
C ASN B 240 -36.58 10.31 -9.09
N ASN B 241 -36.63 11.61 -9.38
CA ASN B 241 -37.87 12.25 -9.78
C ASN B 241 -37.73 12.93 -11.13
N THR B 242 -37.46 12.14 -12.17
CA THR B 242 -37.29 12.67 -13.52
C THR B 242 -38.14 11.89 -14.51
N MET C 4 36.84 -15.99 -8.27
CA MET C 4 37.65 -14.82 -8.59
C MET C 4 36.96 -13.95 -9.63
N GLU C 5 37.76 -13.21 -10.41
CA GLU C 5 37.20 -12.34 -11.43
C GLU C 5 36.66 -13.13 -12.62
N ASP C 6 37.20 -14.33 -12.86
CA ASP C 6 36.77 -15.15 -13.99
C ASP C 6 35.37 -15.72 -13.83
N GLU C 7 34.66 -15.39 -12.74
CA GLU C 7 33.28 -15.82 -12.61
C GLU C 7 32.30 -14.83 -13.23
N ASN C 8 32.67 -13.56 -13.33
CA ASN C 8 31.80 -12.56 -13.93
C ASN C 8 31.79 -12.65 -15.45
N ILE C 9 32.88 -13.11 -16.05
CA ILE C 9 32.93 -13.20 -17.52
C ILE C 9 31.97 -14.26 -18.02
N LEU C 10 31.66 -15.26 -17.20
CA LEU C 10 30.68 -16.28 -17.57
C LEU C 10 29.26 -15.90 -17.15
N ARG C 11 29.11 -15.11 -16.08
CA ARG C 11 27.78 -14.70 -15.64
C ARG C 11 27.16 -13.74 -16.64
N ASN C 12 27.90 -12.69 -17.04
CA ASN C 12 27.38 -11.75 -18.03
C ASN C 12 27.32 -12.36 -19.41
N ALA C 13 28.04 -13.47 -19.65
CA ALA C 13 27.93 -14.16 -20.94
C ALA C 13 26.58 -14.85 -21.07
N VAL C 14 26.20 -15.64 -20.06
CA VAL C 14 24.91 -16.31 -20.09
C VAL C 14 23.77 -15.34 -19.84
N ASN C 15 24.03 -14.20 -19.20
CA ASN C 15 23.00 -13.18 -19.06
C ASN C 15 22.59 -12.62 -20.41
N LEU C 16 23.58 -12.19 -21.21
CA LEU C 16 23.29 -11.72 -22.55
C LEU C 16 22.79 -12.84 -23.45
N GLN C 17 23.24 -14.08 -23.21
CA GLN C 17 22.77 -15.22 -24.00
C GLN C 17 21.27 -15.42 -23.83
N VAL C 18 20.74 -15.21 -22.63
CA VAL C 18 19.31 -15.37 -22.41
C VAL C 18 18.54 -14.20 -23.01
N LEU C 19 19.08 -12.98 -22.88
CA LEU C 19 18.40 -11.81 -23.41
C LEU C 19 18.31 -11.85 -24.92
N LYS C 20 19.37 -12.33 -25.59
CA LYS C 20 19.31 -12.49 -27.04
C LYS C 20 18.34 -13.59 -27.45
N PHE C 21 18.18 -14.62 -26.60
CA PHE C 21 17.25 -15.69 -26.92
C PHE C 21 15.81 -15.19 -26.97
N HIS C 22 15.47 -14.21 -26.13
CA HIS C 22 14.13 -13.61 -26.15
C HIS C 22 14.06 -12.43 -27.11
N TYR C 23 15.09 -11.60 -27.16
CA TYR C 23 15.13 -10.43 -28.02
C TYR C 23 16.48 -10.38 -28.73
N PRO C 24 16.57 -10.88 -29.96
CA PRO C 24 17.87 -10.91 -30.66
C PRO C 24 18.43 -9.54 -30.95
N GLU C 25 17.61 -8.49 -30.94
CA GLU C 25 18.10 -7.14 -31.21
C GLU C 25 18.93 -6.58 -30.07
N ILE C 26 19.02 -7.26 -28.93
CA ILE C 26 19.83 -6.76 -27.83
C ILE C 26 21.30 -6.94 -28.16
N GLU C 27 22.08 -5.88 -27.94
CA GLU C 27 23.50 -5.88 -28.28
C GLU C 27 24.40 -6.11 -27.07
N SER C 28 24.16 -5.40 -25.98
CA SER C 28 24.99 -5.52 -24.79
C SER C 28 24.18 -5.18 -23.55
N ILE C 29 24.72 -5.57 -22.40
CA ILE C 29 24.12 -5.25 -21.09
C ILE C 29 24.88 -4.09 -20.49
N ILE C 30 24.15 -3.06 -20.04
CA ILE C 30 24.76 -1.89 -19.43
C ILE C 30 24.90 -2.07 -17.93
N ASP C 31 23.84 -2.49 -17.26
CA ASP C 31 23.85 -2.71 -15.82
C ASP C 31 22.69 -3.61 -15.46
N ILE C 32 22.77 -4.18 -14.25
CA ILE C 32 21.78 -5.14 -13.77
C ILE C 32 21.35 -4.75 -12.37
N ALA C 33 20.06 -4.91 -12.08
CA ALA C 33 19.50 -4.74 -10.75
C ALA C 33 18.88 -6.05 -10.30
N SER C 34 19.10 -6.40 -9.02
CA SER C 34 18.74 -7.73 -8.53
C SER C 34 17.24 -7.97 -8.64
N HIS C 35 16.44 -7.17 -7.93
CA HIS C 35 15.00 -7.38 -7.86
C HIS C 35 14.29 -6.06 -8.11
N VAL C 36 13.32 -6.07 -9.02
CA VAL C 36 12.59 -4.87 -9.41
C VAL C 36 11.14 -5.24 -9.67
N ALA C 37 10.22 -4.52 -9.03
CA ALA C 37 8.79 -4.67 -9.28
C ALA C 37 8.28 -3.51 -10.11
N VAL C 38 7.28 -3.78 -10.94
CA VAL C 38 6.72 -2.81 -11.88
C VAL C 38 5.35 -2.39 -11.38
N TYR C 39 5.15 -1.09 -11.22
CA TYR C 39 3.88 -0.51 -10.81
C TYR C 39 3.37 0.45 -11.87
N GLN C 40 2.04 0.57 -11.94
CA GLN C 40 1.38 1.52 -12.82
C GLN C 40 0.44 2.35 -11.96
N PHE C 41 0.58 3.67 -12.03
CA PHE C 41 -0.28 4.57 -11.24
C PHE C 41 -1.60 4.80 -11.97
N ASP C 42 -2.69 4.38 -11.34
CA ASP C 42 -4.01 4.60 -11.90
C ASP C 42 -4.42 6.05 -11.72
N VAL C 43 -4.98 6.65 -12.77
CA VAL C 43 -5.41 8.04 -12.68
C VAL C 43 -6.63 8.17 -11.76
N GLY C 44 -7.54 7.19 -11.84
CA GLY C 44 -8.78 7.26 -11.08
C GLY C 44 -8.64 6.95 -9.61
N SER C 45 -8.26 5.72 -9.28
CA SER C 45 -8.18 5.30 -7.89
C SER C 45 -7.03 5.95 -7.14
N GLN C 46 -6.11 6.62 -7.84
CA GLN C 46 -4.96 7.29 -7.23
C GLN C 46 -4.10 6.31 -6.42
N LYS C 47 -4.03 5.06 -6.87
CA LYS C 47 -3.19 4.05 -6.24
C LYS C 47 -2.06 3.62 -7.18
N TRP C 48 -0.92 3.30 -6.59
CA TRP C 48 0.17 2.66 -7.33
C TRP C 48 -0.15 1.18 -7.41
N LEU C 49 -0.85 0.79 -8.48
CA LEU C 49 -1.25 -0.59 -8.64
C LEU C 49 -0.05 -1.45 -9.02
N LYS C 50 -0.01 -2.66 -8.48
CA LYS C 50 1.10 -3.57 -8.72
C LYS C 50 0.79 -4.47 -9.90
N THR C 51 1.66 -4.46 -10.90
CA THR C 51 1.55 -5.36 -12.03
C THR C 51 2.15 -6.71 -11.69
N SER C 52 1.71 -7.74 -12.42
CA SER C 52 2.24 -9.07 -12.18
C SER C 52 3.67 -9.25 -12.65
N ILE C 53 4.29 -8.20 -13.20
CA ILE C 53 5.68 -8.27 -13.66
C ILE C 53 6.59 -7.94 -12.49
N GLU C 54 7.54 -8.83 -12.23
CA GLU C 54 8.49 -8.66 -11.12
C GLU C 54 9.64 -9.63 -11.32
N GLY C 55 10.87 -9.09 -11.39
CA GLY C 55 12.03 -9.94 -11.60
C GLY C 55 13.33 -9.17 -11.62
N THR C 56 14.30 -9.68 -12.37
CA THR C 56 15.62 -9.06 -12.47
C THR C 56 15.60 -7.97 -13.53
N PHE C 57 16.26 -6.85 -13.23
CA PHE C 57 16.27 -5.68 -14.09
C PHE C 57 17.57 -5.66 -14.88
N PHE C 58 17.46 -5.69 -16.21
CA PHE C 58 18.61 -5.68 -17.11
C PHE C 58 18.57 -4.40 -17.93
N LEU C 59 19.49 -3.48 -17.66
CA LEU C 59 19.66 -2.29 -18.49
C LEU C 59 20.45 -2.67 -19.73
N VAL C 60 19.79 -2.63 -20.89
CA VAL C 60 20.34 -3.19 -22.12
C VAL C 60 20.45 -2.11 -23.18
N LYS C 61 21.36 -2.34 -24.12
CA LYS C 61 21.58 -1.44 -25.24
C LYS C 61 21.25 -2.18 -26.53
N ASP C 62 20.48 -1.52 -27.39
CA ASP C 62 20.00 -2.14 -28.61
C ASP C 62 21.08 -2.13 -29.70
N GLN C 63 20.84 -2.90 -30.77
CA GLN C 63 21.72 -2.84 -31.93
C GLN C 63 21.71 -1.46 -32.56
N ARG C 64 20.59 -0.74 -32.44
CA ARG C 64 20.49 0.65 -32.88
C ARG C 64 20.97 1.64 -31.83
N ALA C 65 21.82 1.19 -30.89
CA ALA C 65 22.32 2.00 -29.79
C ALA C 65 21.21 2.57 -28.92
N ARG C 66 20.04 1.93 -28.91
CA ARG C 66 18.92 2.37 -28.09
C ARG C 66 19.05 1.80 -26.68
N VAL C 67 18.85 2.65 -25.68
CA VAL C 67 18.98 2.25 -24.28
C VAL C 67 17.59 1.96 -23.74
N GLY C 68 17.32 0.70 -23.43
CA GLY C 68 16.08 0.29 -22.81
C GLY C 68 16.34 -0.62 -21.62
N TYR C 69 15.33 -1.36 -21.18
CA TYR C 69 15.53 -2.28 -20.07
C TYR C 69 14.60 -3.47 -20.21
N VAL C 70 15.08 -4.63 -19.77
CA VAL C 70 14.34 -5.88 -19.82
C VAL C 70 14.20 -6.39 -18.39
N ILE C 71 13.03 -6.95 -18.08
CA ILE C 71 12.76 -7.51 -16.76
C ILE C 71 12.24 -8.93 -16.95
N LEU C 72 13.07 -9.91 -16.59
CA LEU C 72 12.69 -11.32 -16.66
C LEU C 72 11.72 -11.61 -15.52
N ASN C 73 10.43 -11.70 -15.85
CA ASN C 73 9.40 -11.85 -14.83
C ASN C 73 9.51 -13.21 -14.15
N ARG C 74 9.49 -13.20 -12.81
CA ARG C 74 9.56 -14.42 -12.03
C ARG C 74 8.20 -15.09 -11.86
N ASN C 75 7.11 -14.43 -12.27
CA ASN C 75 5.77 -14.97 -12.08
C ASN C 75 5.13 -15.45 -13.38
N SER C 76 5.71 -15.14 -14.53
CA SER C 76 5.13 -15.50 -15.82
C SER C 76 6.17 -15.33 -16.92
N PRO C 77 6.10 -16.10 -18.00
CA PRO C 77 7.02 -15.88 -19.12
C PRO C 77 6.87 -14.52 -19.79
N GLU C 78 5.75 -13.83 -19.58
CA GLU C 78 5.53 -12.51 -20.15
C GLU C 78 6.47 -11.51 -19.48
N ASN C 79 7.54 -11.14 -20.19
CA ASN C 79 8.52 -10.20 -19.67
C ASN C 79 8.09 -8.76 -19.99
N LEU C 80 8.95 -7.81 -19.64
CA LEU C 80 8.73 -6.39 -19.90
C LEU C 80 9.93 -5.82 -20.64
N TYR C 81 9.69 -5.26 -21.82
CA TYR C 81 10.74 -4.67 -22.64
C TYR C 81 10.29 -3.27 -23.05
N LEU C 82 10.87 -2.25 -22.42
CA LEU C 82 10.57 -0.86 -22.72
C LEU C 82 11.85 -0.11 -23.01
N PHE C 83 11.75 0.88 -23.90
CA PHE C 83 12.88 1.70 -24.30
C PHE C 83 12.81 3.07 -23.64
N ILE C 84 13.98 3.63 -23.36
CA ILE C 84 14.12 4.96 -22.78
C ILE C 84 14.60 5.88 -23.91
N ASN C 85 13.66 6.60 -24.52
CA ASN C 85 14.01 7.43 -25.68
C ASN C 85 14.80 8.66 -25.28
N HIS C 86 14.49 9.25 -24.12
CA HIS C 86 15.15 10.46 -23.66
C HIS C 86 15.30 10.42 -22.15
N PRO C 87 16.43 10.92 -21.62
CA PRO C 87 16.60 10.93 -20.16
C PRO C 87 15.61 11.83 -19.44
N SER C 88 14.97 12.75 -20.16
CA SER C 88 13.93 13.60 -19.58
C SER C 88 12.64 12.83 -19.29
N ASN C 89 12.57 11.55 -19.66
CA ASN C 89 11.40 10.73 -19.41
C ASN C 89 11.50 9.94 -18.11
N VAL C 90 12.68 9.86 -17.51
CA VAL C 90 12.92 9.08 -16.30
C VAL C 90 13.18 10.03 -15.14
N HIS C 91 12.40 9.88 -14.07
CA HIS C 91 12.55 10.68 -12.87
C HIS C 91 12.65 9.75 -11.66
N LEU C 92 13.03 10.34 -10.52
CA LEU C 92 13.18 9.60 -9.27
C LEU C 92 12.27 10.27 -8.25
N VAL C 93 11.16 9.62 -7.93
CA VAL C 93 10.15 10.14 -7.01
C VAL C 93 9.91 9.12 -5.92
N ASP C 94 10.15 9.51 -4.67
CA ASP C 94 9.96 8.66 -3.50
C ASP C 94 10.84 7.43 -3.68
N ARG C 95 10.31 6.21 -3.58
CA ARG C 95 11.07 4.99 -3.83
C ARG C 95 10.67 4.35 -5.15
N TYR C 96 10.39 5.19 -6.15
CA TYR C 96 10.05 4.73 -7.49
C TYR C 96 10.99 5.36 -8.50
N LEU C 97 11.03 4.76 -9.69
CA LEU C 97 11.80 5.26 -10.82
C LEU C 97 10.79 5.46 -11.93
N ILE C 98 10.21 6.67 -11.98
CA ILE C 98 9.13 6.96 -12.92
C ILE C 98 9.66 6.91 -14.34
N HIS C 99 8.84 6.39 -15.25
CA HIS C 99 9.19 6.31 -16.67
C HIS C 99 7.93 6.57 -17.47
N ARG C 100 8.01 7.56 -18.35
CA ARG C 100 6.92 7.93 -19.25
C ARG C 100 7.17 7.24 -20.59
N THR C 101 6.32 6.27 -20.90
CA THR C 101 6.55 5.39 -22.04
C THR C 101 5.89 5.94 -23.30
N GLU C 102 6.27 5.35 -24.43
CA GLU C 102 5.80 5.83 -25.72
C GLU C 102 4.28 5.75 -25.85
N ASN C 103 3.66 4.79 -25.15
CA ASN C 103 2.21 4.65 -25.14
C ASN C 103 1.54 5.60 -24.15
N GLN C 104 2.27 6.63 -23.69
CA GLN C 104 1.73 7.65 -22.78
C GLN C 104 1.17 7.02 -21.50
N HIS C 105 1.97 6.15 -20.90
CA HIS C 105 1.66 5.45 -19.68
C HIS C 105 2.74 5.74 -18.64
N VAL C 106 2.37 5.66 -17.37
CA VAL C 106 3.27 5.98 -16.27
C VAL C 106 3.52 4.69 -15.51
N VAL C 107 4.75 4.20 -15.59
CA VAL C 107 5.18 2.99 -14.91
C VAL C 107 6.18 3.35 -13.82
N GLY C 108 6.11 2.64 -12.70
CA GLY C 108 7.00 2.88 -11.60
C GLY C 108 7.83 1.65 -11.25
N LEU C 109 9.14 1.81 -11.24
CA LEU C 109 10.06 0.71 -10.97
C LEU C 109 10.47 0.80 -9.50
N TRP C 110 10.00 -0.14 -8.69
CA TRP C 110 10.32 -0.20 -7.28
C TRP C 110 11.46 -1.19 -7.09
N MET C 111 12.64 -0.68 -6.78
CA MET C 111 13.83 -1.51 -6.63
C MET C 111 14.03 -1.81 -5.15
N PHE C 112 14.13 -3.11 -4.83
CA PHE C 112 14.20 -3.53 -3.43
C PHE C 112 15.48 -3.09 -2.75
N ASP C 113 16.50 -2.68 -3.52
CA ASP C 113 17.71 -2.11 -2.95
C ASP C 113 17.78 -0.63 -3.33
N PRO C 114 17.71 0.28 -2.37
CA PRO C 114 17.73 1.72 -2.74
C PRO C 114 19.01 2.14 -3.44
N ASN C 115 20.13 1.46 -3.19
CA ASN C 115 21.36 1.79 -3.88
C ASN C 115 21.27 1.49 -5.37
N ASP C 116 20.47 0.50 -5.76
CA ASP C 116 20.28 0.20 -7.16
C ASP C 116 19.50 1.31 -7.86
N MET C 117 18.60 1.97 -7.14
CA MET C 117 17.78 3.02 -7.73
C MET C 117 18.63 4.20 -8.17
N SER C 118 19.50 4.69 -7.29
CA SER C 118 20.34 5.83 -7.62
C SER C 118 21.39 5.46 -8.67
N ARG C 119 21.93 4.24 -8.59
CA ARG C 119 22.95 3.83 -9.55
C ARG C 119 22.38 3.73 -10.96
N ILE C 120 21.23 3.07 -11.11
CA ILE C 120 20.60 2.96 -12.42
C ILE C 120 20.17 4.33 -12.93
N PHE C 121 19.67 5.17 -12.04
CA PHE C 121 19.18 6.49 -12.44
C PHE C 121 20.31 7.34 -13.03
N ASN C 122 21.50 7.27 -12.43
CA ASN C 122 22.63 8.04 -12.94
C ASN C 122 23.16 7.48 -14.26
N ILE C 123 23.06 6.16 -14.45
CA ILE C 123 23.51 5.57 -15.70
C ILE C 123 22.55 5.91 -16.84
N VAL C 124 21.25 5.96 -16.54
CA VAL C 124 20.26 6.30 -17.56
C VAL C 124 20.45 7.74 -18.02
N LYS C 125 20.84 8.63 -17.10
CA LYS C 125 21.06 10.03 -17.43
C LYS C 125 22.23 10.24 -18.38
N GLU C 126 23.01 9.20 -18.67
CA GLU C 126 24.10 9.29 -19.63
C GLU C 126 23.82 8.55 -20.93
N SER C 127 22.96 7.52 -20.89
CA SER C 127 22.59 6.75 -22.07
C SER C 127 23.80 6.19 -22.81
N MET D 1 4.51 -19.34 -26.08
CA MET D 1 5.10 -19.04 -27.38
C MET D 1 6.58 -18.69 -27.23
N SER D 2 7.00 -18.43 -25.98
CA SER D 2 8.39 -18.04 -25.73
C SER D 2 9.33 -19.23 -25.80
N PHE D 3 9.00 -20.33 -25.11
CA PHE D 3 9.86 -21.50 -25.04
C PHE D 3 9.35 -22.65 -25.93
N THR D 4 8.68 -22.32 -27.03
CA THR D 4 8.16 -23.38 -27.91
C THR D 4 9.30 -24.16 -28.56
N ASN D 5 10.31 -23.46 -29.08
CA ASN D 5 11.45 -24.13 -29.68
C ASN D 5 12.72 -23.85 -28.89
N ALA D 6 12.74 -24.26 -27.63
CA ALA D 6 13.86 -24.03 -26.74
C ALA D 6 14.43 -25.36 -26.28
N THR D 7 15.74 -25.52 -26.39
CA THR D 7 16.41 -26.73 -25.91
C THR D 7 16.49 -26.70 -24.39
N PHE D 8 16.73 -27.88 -23.81
CA PHE D 8 16.79 -27.98 -22.36
C PHE D 8 17.95 -27.18 -21.79
N SER D 9 19.04 -27.03 -22.55
CA SER D 9 20.15 -26.20 -22.10
C SER D 9 19.76 -24.73 -22.10
N GLN D 10 18.95 -24.30 -23.07
CA GLN D 10 18.49 -22.92 -23.09
C GLN D 10 17.51 -22.64 -21.95
N VAL D 11 16.68 -23.63 -21.60
CA VAL D 11 15.75 -23.47 -20.49
C VAL D 11 16.51 -23.32 -19.18
N LEU D 12 17.54 -24.15 -18.97
CA LEU D 12 18.36 -24.00 -17.77
C LEU D 12 19.16 -22.70 -17.79
N ASP D 13 19.53 -22.22 -18.98
CA ASP D 13 20.16 -20.91 -19.07
C ASP D 13 19.20 -19.80 -18.65
N ASP D 14 17.95 -19.88 -19.10
CA ASP D 14 16.96 -18.85 -18.76
C ASP D 14 16.67 -18.85 -17.27
N LEU D 15 16.33 -20.00 -16.71
CA LEU D 15 16.00 -20.09 -15.29
C LEU D 15 17.19 -19.71 -14.42
N SER D 16 18.42 -19.93 -14.90
CA SER D 16 19.60 -19.58 -14.11
C SER D 16 19.72 -18.07 -13.94
N ALA D 17 19.66 -17.32 -15.06
CA ALA D 17 19.78 -15.87 -14.98
C ALA D 17 18.53 -15.24 -14.38
N ARG D 18 17.38 -15.89 -14.54
CA ARG D 18 16.12 -15.32 -14.07
C ARG D 18 15.96 -15.42 -12.56
N PHE D 19 16.50 -16.48 -11.95
CA PHE D 19 16.22 -16.77 -10.55
C PHE D 19 17.44 -16.77 -9.64
N ILE D 20 18.55 -17.38 -10.06
CA ILE D 20 19.64 -17.68 -9.15
C ILE D 20 20.94 -16.95 -9.47
N LEU D 21 21.12 -16.43 -10.68
CA LEU D 21 22.43 -15.90 -11.06
C LEU D 21 22.65 -14.44 -10.66
N ASN D 22 21.59 -13.64 -10.60
CA ASN D 22 21.72 -12.21 -10.39
C ASN D 22 21.33 -11.79 -8.97
N LEU D 23 21.29 -12.73 -8.04
CA LEU D 23 21.06 -12.38 -6.65
C LEU D 23 22.25 -11.61 -6.09
N PRO D 24 22.03 -10.80 -5.05
CA PRO D 24 23.15 -10.10 -4.42
C PRO D 24 24.13 -11.08 -3.78
N ALA D 25 25.25 -10.53 -3.30
CA ALA D 25 26.33 -11.36 -2.77
C ALA D 25 25.86 -12.16 -1.56
N GLU D 26 25.18 -11.50 -0.62
CA GLU D 26 24.79 -12.18 0.61
C GLU D 26 23.68 -13.19 0.39
N GLU D 27 22.84 -12.99 -0.64
CA GLU D 27 21.74 -13.92 -0.87
C GLU D 27 22.22 -15.22 -1.49
N GLN D 28 23.22 -15.15 -2.37
CA GLN D 28 23.75 -16.37 -2.97
C GLN D 28 24.48 -17.23 -1.96
N SER D 29 25.13 -16.62 -0.97
CA SER D 29 25.80 -17.37 0.08
C SER D 29 24.84 -17.94 1.11
N SER D 30 23.57 -17.52 1.09
CA SER D 30 22.58 -18.01 2.04
C SER D 30 21.89 -19.24 1.47
N VAL D 31 21.88 -20.32 2.25
CA VAL D 31 21.23 -21.55 1.81
C VAL D 31 19.72 -21.36 1.71
N GLU D 32 19.13 -20.66 2.69
CA GLU D 32 17.70 -20.44 2.69
C GLU D 32 17.26 -19.62 1.48
N ARG D 33 17.99 -18.55 1.18
CA ARG D 33 17.61 -17.70 0.05
C ARG D 33 17.90 -18.38 -1.28
N LEU D 34 18.99 -19.15 -1.36
CA LEU D 34 19.28 -19.88 -2.58
C LEU D 34 18.27 -20.99 -2.82
N CYS D 35 17.79 -21.62 -1.75
CA CYS D 35 16.77 -22.65 -1.88
C CYS D 35 15.44 -22.05 -2.32
N PHE D 36 15.13 -20.84 -1.86
CA PHE D 36 13.87 -20.21 -2.23
C PHE D 36 13.79 -19.95 -3.73
N GLN D 37 14.89 -19.52 -4.34
CA GLN D 37 14.87 -19.21 -5.77
C GLN D 37 14.80 -20.47 -6.61
N ILE D 38 15.46 -21.55 -6.17
CA ILE D 38 15.44 -22.80 -6.93
C ILE D 38 14.05 -23.41 -6.93
N GLU D 39 13.36 -23.36 -5.78
CA GLU D 39 12.00 -23.87 -5.74
C GLU D 39 11.08 -23.06 -6.65
N GLN D 40 11.29 -21.75 -6.73
CA GLN D 40 10.52 -20.93 -7.66
C GLN D 40 10.90 -21.23 -9.10
N ALA D 41 12.20 -21.48 -9.35
CA ALA D 41 12.63 -21.83 -10.70
C ALA D 41 12.06 -23.18 -11.12
N HIS D 42 11.94 -24.11 -10.18
CA HIS D 42 11.34 -25.41 -10.49
C HIS D 42 9.86 -25.25 -10.82
N TRP D 43 9.13 -24.49 -10.01
CA TRP D 43 7.72 -24.25 -10.28
C TRP D 43 7.53 -23.51 -11.59
N PHE D 44 8.40 -22.55 -11.89
CA PHE D 44 8.31 -21.84 -13.16
C PHE D 44 8.58 -22.79 -14.34
N TYR D 45 9.46 -23.76 -14.15
CA TYR D 45 9.75 -24.72 -15.21
C TYR D 45 8.58 -25.68 -15.42
N GLU D 46 7.99 -26.16 -14.33
CA GLU D 46 6.91 -27.14 -14.45
C GLU D 46 5.61 -26.51 -14.90
N ASP D 47 5.27 -25.33 -14.36
CA ASP D 47 3.96 -24.75 -14.62
C ASP D 47 3.89 -23.99 -15.93
N PHE D 48 4.98 -23.33 -16.33
CA PHE D 48 4.98 -22.46 -17.50
C PHE D 48 5.80 -23.00 -18.66
N ILE D 49 7.06 -23.35 -18.42
CA ILE D 49 7.96 -23.67 -19.53
C ILE D 49 7.59 -25.00 -20.16
N ARG D 50 7.24 -26.00 -19.34
CA ARG D 50 6.88 -27.30 -19.89
C ARG D 50 5.59 -27.24 -20.69
N ALA D 51 4.67 -26.34 -20.33
CA ALA D 51 3.43 -26.20 -21.09
C ALA D 51 3.68 -25.69 -22.50
N GLN D 52 4.74 -24.92 -22.69
CA GLN D 52 5.09 -24.38 -24.00
C GLN D 52 5.91 -25.34 -24.86
N ASN D 53 6.46 -26.39 -24.26
CA ASN D 53 7.27 -27.35 -25.01
C ASN D 53 7.10 -28.72 -24.35
N ASP D 54 6.35 -29.61 -25.00
CA ASP D 54 6.11 -30.94 -24.46
C ASP D 54 7.38 -31.80 -24.46
N GLN D 55 8.39 -31.43 -25.24
CA GLN D 55 9.63 -32.20 -25.28
C GLN D 55 10.40 -32.14 -23.97
N LEU D 56 10.15 -31.14 -23.13
CA LEU D 56 10.87 -31.00 -21.88
C LEU D 56 10.34 -32.00 -20.85
N PRO D 57 11.22 -32.66 -20.12
CA PRO D 57 10.78 -33.66 -19.15
C PRO D 57 10.29 -33.05 -17.85
N SER D 58 9.41 -33.80 -17.18
CA SER D 58 8.95 -33.41 -15.85
C SER D 58 9.94 -33.90 -14.81
N LEU D 59 10.37 -33.00 -13.93
CA LEU D 59 11.40 -33.30 -12.94
C LEU D 59 10.89 -32.98 -11.54
N GLY D 60 11.51 -33.63 -10.56
CA GLY D 60 11.24 -33.32 -9.17
C GLY D 60 12.09 -32.16 -8.70
N LEU D 61 11.74 -31.65 -7.50
CA LEU D 61 12.45 -30.50 -6.95
C LEU D 61 13.92 -30.81 -6.74
N ARG D 62 14.23 -31.95 -6.14
CA ARG D 62 15.63 -32.29 -5.89
C ARG D 62 16.36 -32.67 -7.17
N VAL D 63 15.65 -33.27 -8.13
CA VAL D 63 16.28 -33.62 -9.40
C VAL D 63 16.53 -32.38 -10.23
N PHE D 64 15.56 -31.46 -10.27
CA PHE D 64 15.75 -30.20 -10.99
C PHE D 64 16.88 -29.38 -10.39
N SER D 65 16.98 -29.37 -9.06
CA SER D 65 18.05 -28.62 -8.40
C SER D 65 19.42 -29.18 -8.76
N ALA D 66 19.53 -30.50 -8.85
CA ALA D 66 20.81 -31.12 -9.17
C ALA D 66 21.26 -30.78 -10.59
N LYS D 67 20.34 -30.83 -11.55
CA LYS D 67 20.71 -30.52 -12.93
C LYS D 67 21.01 -29.03 -13.09
N LEU D 68 20.29 -28.17 -12.36
CA LEU D 68 20.56 -26.73 -12.45
C LEU D 68 21.87 -26.38 -11.78
N PHE D 69 22.20 -27.06 -10.68
CA PHE D 69 23.47 -26.79 -9.99
C PHE D 69 24.66 -27.22 -10.84
N ALA D 70 24.60 -28.43 -11.41
CA ALA D 70 25.68 -28.93 -12.24
C ALA D 70 25.82 -28.16 -13.55
N HIS D 71 24.76 -27.47 -13.99
CA HIS D 71 24.84 -26.73 -15.25
C HIS D 71 25.66 -25.46 -15.09
N CYS D 72 25.42 -24.72 -14.01
CA CYS D 72 26.13 -23.46 -13.78
C CYS D 72 27.06 -23.59 -12.59
N PRO D 73 28.37 -23.51 -12.77
CA PRO D 73 29.28 -23.58 -11.61
C PRO D 73 29.21 -22.33 -10.76
N LEU D 74 28.12 -22.18 -10.00
CA LEU D 74 27.92 -21.00 -9.17
C LEU D 74 28.89 -20.96 -8.00
N SER D 79 31.21 -26.33 -5.00
CA SER D 79 31.92 -27.50 -4.50
C SER D 79 30.96 -28.61 -4.07
N LYS D 80 31.44 -29.85 -4.12
CA LYS D 80 30.58 -30.98 -3.79
C LYS D 80 30.32 -31.05 -2.28
N VAL D 81 31.33 -30.69 -1.47
CA VAL D 81 31.16 -30.69 -0.03
C VAL D 81 30.10 -29.68 0.39
N HIS D 82 29.94 -28.60 -0.37
CA HIS D 82 28.95 -27.57 -0.10
C HIS D 82 27.67 -27.78 -0.90
N GLU D 83 27.60 -28.85 -1.70
CA GLU D 83 26.39 -29.14 -2.47
C GLU D 83 25.48 -30.13 -1.77
N GLU D 84 26.05 -31.19 -1.19
CA GLU D 84 25.25 -32.16 -0.47
C GLU D 84 24.52 -31.52 0.71
N ALA D 85 25.14 -30.52 1.33
CA ALA D 85 24.48 -29.82 2.43
C ALA D 85 23.25 -29.07 1.94
N PHE D 86 23.26 -28.61 0.69
CA PHE D 86 22.10 -27.91 0.15
C PHE D 86 20.98 -28.88 -0.18
N ASP D 87 21.31 -30.05 -0.73
CA ASP D 87 20.29 -31.06 -1.00
C ASP D 87 19.67 -31.56 0.30
N ASP D 88 20.46 -31.62 1.38
CA ASP D 88 19.91 -31.99 2.68
C ASP D 88 18.91 -30.96 3.17
N PHE D 89 19.11 -29.68 2.82
CA PHE D 89 18.15 -28.66 3.21
C PHE D 89 16.84 -28.82 2.45
N LEU D 90 16.92 -29.18 1.18
CA LEU D 90 15.72 -29.41 0.37
C LEU D 90 14.91 -30.59 0.89
N ARG D 91 15.54 -31.52 1.61
CA ARG D 91 14.82 -32.67 2.14
C ARG D 91 14.16 -32.35 3.48
N TYR D 92 14.85 -31.60 4.34
CA TYR D 92 14.41 -31.37 5.70
C TYR D 92 13.73 -30.01 5.89
N LYS D 93 13.55 -29.23 4.83
CA LYS D 93 12.93 -27.92 4.98
C LYS D 93 11.48 -28.03 5.41
N THR D 94 11.09 -27.19 6.36
CA THR D 94 9.70 -27.11 6.79
C THR D 94 8.85 -26.44 5.71
N ARG D 95 7.93 -27.18 5.12
CA ARG D 95 7.08 -26.67 4.06
C ARG D 95 5.61 -26.74 4.49
N ILE D 96 4.81 -25.85 3.93
CA ILE D 96 3.39 -25.74 4.28
C ILE D 96 2.64 -26.92 3.68
N PRO D 97 2.00 -27.76 4.50
CA PRO D 97 1.22 -28.89 3.97
C PRO D 97 -0.13 -28.40 3.44
N VAL D 98 -0.38 -28.64 2.16
CA VAL D 98 -1.64 -28.30 1.52
C VAL D 98 -2.24 -29.59 0.95
N ARG D 99 -3.52 -29.81 1.22
CA ARG D 99 -4.22 -30.99 0.75
C ARG D 99 -5.39 -30.57 -0.12
N GLY D 100 -5.67 -31.38 -1.15
CA GLY D 100 -6.76 -31.09 -2.06
C GLY D 100 -7.36 -32.34 -2.66
N ALA D 101 -7.99 -32.20 -3.83
CA ALA D 101 -8.61 -33.36 -4.47
C ALA D 101 -8.77 -33.10 -5.96
N ILE D 102 -8.54 -34.14 -6.76
CA ILE D 102 -8.78 -34.10 -8.20
C ILE D 102 -10.03 -34.90 -8.50
N MET D 103 -11.19 -34.24 -8.48
CA MET D 103 -12.46 -34.91 -8.68
C MET D 103 -12.68 -35.18 -10.17
N LEU D 104 -12.74 -36.45 -10.53
CA LEU D 104 -12.96 -36.87 -11.91
C LEU D 104 -14.38 -37.39 -12.08
N ASP D 105 -14.84 -37.37 -13.33
CA ASP D 105 -16.17 -37.88 -13.66
C ASP D 105 -16.11 -39.41 -13.76
N MET D 106 -17.23 -40.01 -14.17
CA MET D 106 -17.27 -41.46 -14.31
C MET D 106 -16.39 -41.94 -15.47
N SER D 107 -16.30 -41.15 -16.53
CA SER D 107 -15.48 -41.51 -17.68
C SER D 107 -14.01 -41.17 -17.50
N MET D 108 -13.66 -40.44 -16.42
CA MET D 108 -12.28 -40.09 -16.11
C MET D 108 -11.63 -39.31 -17.25
N GLN D 109 -12.38 -38.38 -17.84
CA GLN D 109 -11.85 -37.47 -18.84
C GLN D 109 -12.25 -36.02 -18.60
N GLN D 110 -12.88 -35.74 -17.45
CA GLN D 110 -13.23 -34.38 -17.06
C GLN D 110 -12.99 -34.22 -15.56
N CYS D 111 -12.37 -33.10 -15.18
CA CYS D 111 -12.03 -32.82 -13.81
C CYS D 111 -12.63 -31.50 -13.37
N VAL D 112 -12.72 -31.31 -12.05
CA VAL D 112 -13.29 -30.10 -11.47
C VAL D 112 -12.17 -29.12 -11.18
N LEU D 113 -12.25 -27.94 -11.79
CA LEU D 113 -11.30 -26.87 -11.56
C LEU D 113 -11.99 -25.67 -10.95
N VAL D 114 -11.24 -24.89 -10.18
CA VAL D 114 -11.77 -23.73 -9.48
C VAL D 114 -10.93 -22.51 -9.82
N LYS D 115 -11.57 -21.35 -9.87
CA LYS D 115 -10.91 -20.10 -10.24
C LYS D 115 -11.26 -19.03 -9.22
N GLY D 116 -10.29 -18.15 -8.97
CA GLY D 116 -10.46 -17.06 -8.02
C GLY D 116 -11.11 -15.84 -8.65
N TRP D 117 -11.07 -14.73 -7.91
CA TRP D 117 -11.67 -13.49 -8.35
C TRP D 117 -10.69 -12.54 -9.02
N LYS D 118 -9.40 -12.61 -8.70
CA LYS D 118 -8.44 -11.68 -9.25
C LYS D 118 -8.25 -11.91 -10.75
N ALA D 119 -7.67 -10.90 -11.42
CA ALA D 119 -7.48 -10.98 -12.86
C ALA D 119 -6.44 -12.02 -13.25
N SER D 120 -5.42 -12.20 -12.43
CA SER D 120 -4.37 -13.18 -12.70
C SER D 120 -4.61 -14.53 -12.02
N SER D 121 -5.73 -14.67 -11.32
CA SER D 121 -6.06 -15.94 -10.67
C SER D 121 -6.39 -17.00 -11.71
N GLY D 122 -5.56 -18.04 -11.79
CA GLY D 122 -5.79 -19.11 -12.74
C GLY D 122 -6.55 -20.27 -12.14
N TRP D 123 -6.95 -21.20 -13.02
CA TRP D 123 -7.67 -22.38 -12.58
C TRP D 123 -6.75 -23.33 -11.82
N GLY D 124 -7.32 -24.00 -10.83
CA GLY D 124 -6.56 -24.94 -10.02
C GLY D 124 -7.49 -25.93 -9.35
N PHE D 125 -6.88 -26.96 -8.77
CA PHE D 125 -7.66 -27.94 -8.04
C PHE D 125 -8.01 -27.41 -6.65
N PRO D 126 -9.20 -27.76 -6.13
CA PRO D 126 -9.58 -27.27 -4.79
C PRO D 126 -8.68 -27.80 -3.69
N LYS D 127 -7.82 -26.95 -3.16
CA LYS D 127 -6.86 -27.32 -2.13
C LYS D 127 -6.70 -26.19 -1.14
N GLY D 128 -5.94 -26.44 -0.08
CA GLY D 128 -5.72 -25.42 0.93
C GLY D 128 -4.86 -25.96 2.05
N LYS D 129 -4.40 -25.04 2.89
CA LYS D 129 -3.52 -25.37 4.00
C LYS D 129 -4.29 -26.13 5.08
N ILE D 130 -3.59 -27.05 5.75
CA ILE D 130 -4.18 -27.83 6.82
C ILE D 130 -4.23 -27.00 8.10
N ASP D 131 -5.18 -27.32 8.96
CA ASP D 131 -5.31 -26.66 10.26
C ASP D 131 -4.55 -27.46 11.31
N LYS D 132 -4.48 -26.89 12.52
CA LYS D 132 -3.77 -27.54 13.61
C LYS D 132 -4.52 -28.80 14.05
N ASP D 133 -3.76 -29.86 14.30
CA ASP D 133 -4.29 -31.15 14.74
C ASP D 133 -5.26 -31.75 13.73
N GLU D 134 -5.18 -31.34 12.48
CA GLU D 134 -6.06 -31.84 11.42
C GLU D 134 -5.34 -32.94 10.64
N SER D 135 -6.10 -33.95 10.22
CA SER D 135 -5.54 -35.04 9.45
C SER D 135 -5.40 -34.64 7.98
N ASP D 136 -4.53 -35.36 7.27
CA ASP D 136 -4.35 -35.11 5.84
C ASP D 136 -5.64 -35.33 5.07
N VAL D 137 -6.38 -36.38 5.40
CA VAL D 137 -7.64 -36.65 4.71
C VAL D 137 -8.70 -35.62 5.12
N ASP D 138 -8.70 -35.21 6.39
CA ASP D 138 -9.68 -34.25 6.85
C ASP D 138 -9.51 -32.88 6.19
N CYS D 139 -8.27 -32.49 5.90
CA CYS D 139 -8.04 -31.21 5.24
C CYS D 139 -8.58 -31.21 3.82
N ALA D 140 -8.38 -32.31 3.09
CA ALA D 140 -8.88 -32.38 1.72
C ALA D 140 -10.40 -32.33 1.67
N ILE D 141 -11.07 -32.98 2.63
CA ILE D 141 -12.52 -32.94 2.69
C ILE D 141 -13.00 -31.53 3.01
N ARG D 142 -12.30 -30.84 3.92
CA ARG D 142 -12.71 -29.50 4.31
C ARG D 142 -12.53 -28.51 3.17
N GLU D 143 -11.39 -28.55 2.48
CA GLU D 143 -11.13 -27.61 1.40
C GLU D 143 -12.08 -27.82 0.23
N VAL D 144 -12.43 -29.07 -0.06
CA VAL D 144 -13.37 -29.34 -1.14
C VAL D 144 -14.76 -28.87 -0.77
N TYR D 145 -15.18 -29.14 0.48
CA TYR D 145 -16.51 -28.71 0.91
C TYR D 145 -16.62 -27.19 0.99
N GLU D 146 -15.52 -26.50 1.32
CA GLU D 146 -15.56 -25.05 1.43
C GLU D 146 -15.50 -24.38 0.06
N GLU D 147 -14.65 -24.90 -0.84
CA GLU D 147 -14.43 -24.25 -2.13
C GLU D 147 -15.35 -24.76 -3.24
N THR D 148 -16.01 -25.91 -3.03
CA THR D 148 -16.92 -26.45 -4.05
C THR D 148 -18.30 -26.80 -3.51
N GLY D 149 -18.48 -26.91 -2.19
CA GLY D 149 -19.76 -27.29 -1.63
C GLY D 149 -20.04 -28.79 -1.64
N PHE D 150 -19.17 -29.59 -2.24
CA PHE D 150 -19.37 -31.02 -2.31
C PHE D 150 -18.65 -31.71 -1.15
N ASP D 151 -19.35 -32.66 -0.52
CA ASP D 151 -18.82 -33.41 0.62
C ASP D 151 -18.33 -34.75 0.09
N CYS D 152 -17.01 -34.89 -0.04
CA CYS D 152 -16.39 -36.10 -0.54
C CYS D 152 -15.95 -37.04 0.59
N SER D 153 -16.60 -36.99 1.74
CA SER D 153 -16.22 -37.85 2.85
C SER D 153 -16.46 -39.32 2.52
N SER D 154 -17.54 -39.62 1.83
CA SER D 154 -17.92 -40.99 1.51
C SER D 154 -17.20 -41.53 0.28
N ARG D 155 -16.38 -40.73 -0.40
CA ARG D 155 -15.75 -41.14 -1.64
C ARG D 155 -14.22 -41.05 -1.62
N ILE D 156 -13.63 -40.26 -0.73
CA ILE D 156 -12.19 -40.07 -0.73
C ILE D 156 -11.49 -41.33 -0.25
N ASN D 157 -10.37 -41.67 -0.91
CA ASN D 157 -9.56 -42.81 -0.54
C ASN D 157 -8.21 -42.34 -0.03
N PRO D 158 -7.83 -42.66 1.21
CA PRO D 158 -6.56 -42.14 1.74
C PRO D 158 -5.32 -42.67 1.04
N ASN D 159 -5.44 -43.69 0.19
CA ASN D 159 -4.29 -44.27 -0.49
C ASN D 159 -4.18 -43.89 -1.96
N GLU D 160 -5.24 -43.34 -2.55
CA GLU D 160 -5.23 -42.94 -3.96
C GLU D 160 -5.09 -41.42 -4.01
N PHE D 161 -3.88 -40.96 -4.29
CA PHE D 161 -3.60 -39.53 -4.33
C PHE D 161 -2.33 -39.30 -5.16
N ILE D 162 -2.04 -38.03 -5.40
CA ILE D 162 -0.80 -37.62 -6.04
C ILE D 162 -0.12 -36.61 -5.13
N ASP D 163 1.07 -36.96 -4.64
CA ASP D 163 1.83 -36.12 -3.73
C ASP D 163 3.02 -35.53 -4.47
N MET D 164 3.26 -34.23 -4.27
CA MET D 164 4.32 -33.53 -4.98
C MET D 164 4.67 -32.26 -4.24
N THR D 165 5.98 -32.00 -4.13
CA THR D 165 6.48 -30.77 -3.53
C THR D 165 6.79 -29.77 -4.64
N ILE D 166 6.07 -28.66 -4.65
CA ILE D 166 6.22 -27.64 -5.68
C ILE D 166 6.02 -26.27 -5.05
N ARG D 167 6.94 -25.34 -5.38
CA ARG D 167 6.87 -23.96 -4.91
C ARG D 167 6.79 -23.88 -3.38
N GLY D 168 7.59 -24.69 -2.71
CA GLY D 168 7.65 -24.64 -1.26
C GLY D 168 6.41 -25.13 -0.55
N GLN D 169 5.64 -26.01 -1.16
CA GLN D 169 4.43 -26.54 -0.55
C GLN D 169 4.37 -28.04 -0.78
N ASN D 170 4.07 -28.79 0.29
CA ASN D 170 3.81 -30.22 0.18
C ASN D 170 2.37 -30.40 -0.26
N VAL D 171 2.16 -30.60 -1.56
CA VAL D 171 0.82 -30.68 -2.13
C VAL D 171 0.46 -32.15 -2.29
N ARG D 172 -0.73 -32.52 -1.82
CA ARG D 172 -1.26 -33.87 -1.96
C ARG D 172 -2.71 -33.77 -2.43
N LEU D 173 -2.97 -34.20 -3.66
CA LEU D 173 -4.30 -34.15 -4.25
C LEU D 173 -4.86 -35.56 -4.33
N TYR D 174 -5.95 -35.80 -3.59
CA TYR D 174 -6.58 -37.12 -3.59
C TYR D 174 -7.45 -37.27 -4.82
N ILE D 175 -7.22 -38.34 -5.58
CA ILE D 175 -7.97 -38.58 -6.81
C ILE D 175 -9.30 -39.23 -6.43
N ILE D 176 -10.40 -38.58 -6.81
CA ILE D 176 -11.73 -39.08 -6.53
C ILE D 176 -12.51 -39.17 -7.84
N PRO D 177 -12.60 -40.34 -8.45
CA PRO D 177 -13.36 -40.47 -9.70
C PRO D 177 -14.82 -40.86 -9.46
N GLY D 178 -15.61 -40.69 -10.51
CA GLY D 178 -17.03 -41.01 -10.44
C GLY D 178 -17.93 -39.90 -9.98
N ILE D 179 -17.48 -38.66 -10.01
CA ILE D 179 -18.31 -37.53 -9.59
C ILE D 179 -19.32 -37.25 -10.70
N SER D 180 -20.59 -37.13 -10.30
CA SER D 180 -21.66 -36.86 -11.26
C SER D 180 -21.49 -35.48 -11.88
N LEU D 181 -21.65 -35.41 -13.20
CA LEU D 181 -21.51 -34.13 -13.90
C LEU D 181 -22.67 -33.18 -13.60
N ASP D 182 -23.79 -33.69 -13.11
CA ASP D 182 -24.94 -32.87 -12.76
C ASP D 182 -24.87 -32.34 -11.34
N THR D 183 -23.71 -32.45 -10.69
CA THR D 183 -23.56 -31.97 -9.32
C THR D 183 -23.56 -30.44 -9.31
N ARG D 184 -24.38 -29.86 -8.44
CA ARG D 184 -24.48 -28.41 -8.31
C ARG D 184 -23.42 -27.94 -7.32
N PHE D 185 -22.36 -27.33 -7.83
CA PHE D 185 -21.27 -26.84 -7.00
C PHE D 185 -21.56 -25.40 -6.57
N GLU D 186 -21.71 -25.19 -5.27
CA GLU D 186 -21.99 -23.87 -4.71
C GLU D 186 -20.94 -23.56 -3.64
N SER D 187 -20.01 -22.67 -3.97
CA SER D 187 -18.96 -22.26 -3.04
C SER D 187 -19.42 -21.12 -2.14
N ARG D 188 -20.60 -21.29 -1.54
CA ARG D 188 -21.13 -20.27 -0.63
C ARG D 188 -20.28 -20.13 0.62
N THR D 189 -19.51 -21.16 0.98
CA THR D 189 -18.69 -21.09 2.19
C THR D 189 -17.57 -20.06 2.06
N ARG D 190 -16.72 -20.21 1.05
CA ARG D 190 -15.62 -19.29 0.81
C ARG D 190 -16.02 -18.30 -0.28
N LYS D 191 -15.97 -17.01 0.02
CA LYS D 191 -16.24 -15.96 -0.95
C LYS D 191 -15.03 -15.62 -1.80
N GLU D 192 -13.98 -16.43 -1.75
CA GLU D 192 -12.79 -16.22 -2.56
C GLU D 192 -12.81 -17.02 -3.86
N ILE D 193 -13.93 -17.64 -4.18
CA ILE D 193 -14.07 -18.45 -5.39
C ILE D 193 -15.07 -17.79 -6.32
N SER D 194 -14.80 -17.84 -7.62
CA SER D 194 -15.67 -17.26 -8.64
C SER D 194 -16.43 -18.32 -9.41
N LYS D 195 -15.73 -19.16 -10.16
CA LYS D 195 -16.36 -20.14 -11.03
C LYS D 195 -15.88 -21.54 -10.66
N ILE D 196 -16.75 -22.53 -10.89
CA ILE D 196 -16.45 -23.94 -10.70
C ILE D 196 -17.01 -24.68 -11.90
N GLU D 197 -16.13 -25.13 -12.79
CA GLU D 197 -16.56 -25.72 -14.05
C GLU D 197 -15.74 -26.96 -14.37
N TRP D 198 -16.39 -27.92 -15.02
CA TRP D 198 -15.70 -29.12 -15.47
C TRP D 198 -14.82 -28.81 -16.68
N HIS D 199 -13.58 -29.30 -16.65
CA HIS D 199 -12.64 -29.10 -17.73
C HIS D 199 -12.25 -30.44 -18.33
N ASN D 200 -12.32 -30.55 -19.65
CA ASN D 200 -11.87 -31.75 -20.33
C ASN D 200 -10.36 -31.88 -20.20
N LEU D 201 -9.91 -33.06 -19.80
CA LEU D 201 -8.47 -33.26 -19.59
C LEU D 201 -7.69 -33.05 -20.89
N MET D 202 -8.24 -33.46 -22.02
CA MET D 202 -7.55 -33.30 -23.29
C MET D 202 -7.32 -31.83 -23.65
N ASP D 203 -8.11 -30.92 -23.08
CA ASP D 203 -7.95 -29.49 -23.34
C ASP D 203 -6.86 -28.86 -22.49
N LEU D 204 -6.34 -29.56 -21.49
CA LEU D 204 -5.28 -29.04 -20.65
C LEU D 204 -3.95 -29.07 -21.40
N PRO D 205 -2.99 -28.19 -21.02
CA PRO D 205 -1.79 -28.00 -21.84
C PRO D 205 -1.01 -29.28 -22.13
N THR D 206 -0.49 -29.94 -21.10
CA THR D 206 0.39 -31.08 -21.33
C THR D 206 -0.36 -32.40 -21.51
N PHE D 207 -1.66 -32.42 -21.21
CA PHE D 207 -2.45 -33.63 -21.40
C PHE D 207 -2.73 -33.81 -22.88
N LYS D 208 -2.65 -35.06 -23.35
CA LYS D 208 -2.68 -35.38 -24.77
C LYS D 208 -1.64 -34.55 -25.51
N LYS D 209 -0.39 -35.02 -25.49
CA LYS D 209 0.70 -34.26 -26.11
C LYS D 209 0.60 -34.28 -27.64
N ASN D 210 -0.04 -35.31 -28.21
CA ASN D 210 -0.14 -35.39 -29.67
C ASN D 210 -1.06 -34.31 -30.22
N LYS D 211 -2.12 -33.98 -29.48
CA LYS D 211 -3.03 -32.93 -29.91
C LYS D 211 -2.32 -31.58 -29.86
N PRO D 212 -2.69 -30.64 -30.74
CA PRO D 212 -2.03 -29.33 -30.74
C PRO D 212 -2.30 -28.58 -29.43
N GLN D 213 -1.23 -28.08 -28.83
CA GLN D 213 -1.30 -27.46 -27.51
C GLN D 213 -1.70 -26.00 -27.66
N THR D 214 -2.85 -25.66 -27.08
CA THR D 214 -3.40 -24.30 -27.10
C THR D 214 -4.02 -24.01 -25.75
N MET D 215 -3.62 -22.89 -25.15
CA MET D 215 -4.03 -22.54 -23.78
C MET D 215 -5.07 -21.43 -23.84
N LYS D 216 -6.28 -21.74 -23.38
CA LYS D 216 -7.38 -20.78 -23.38
C LYS D 216 -7.47 -20.02 -22.06
N ASN D 217 -7.34 -20.73 -20.94
CA ASN D 217 -7.46 -20.16 -19.61
C ASN D 217 -6.19 -20.47 -18.81
N LYS D 218 -5.94 -19.64 -17.80
CA LYS D 218 -4.75 -19.80 -16.99
C LYS D 218 -4.91 -20.92 -15.98
N PHE D 219 -3.83 -21.67 -15.76
CA PHE D 219 -3.81 -22.77 -14.82
C PHE D 219 -2.66 -22.57 -13.85
N TYR D 220 -2.93 -22.80 -12.56
CA TYR D 220 -1.94 -22.64 -11.51
C TYR D 220 -1.79 -23.97 -10.77
N MET D 221 -0.59 -24.55 -10.84
CA MET D 221 -0.29 -25.83 -10.20
C MET D 221 -1.25 -26.92 -10.63
N VAL D 222 -1.45 -27.03 -11.95
CA VAL D 222 -2.28 -28.06 -12.55
C VAL D 222 -1.50 -28.93 -13.52
N ILE D 223 -0.57 -28.34 -14.27
CA ILE D 223 0.21 -29.10 -15.24
C ILE D 223 1.03 -30.21 -14.59
N PRO D 224 1.80 -29.97 -13.52
CA PRO D 224 2.64 -31.05 -12.97
C PRO D 224 1.86 -32.27 -12.51
N PHE D 225 0.59 -32.13 -12.16
CA PHE D 225 -0.21 -33.27 -11.72
C PHE D 225 -0.80 -34.06 -12.87
N LEU D 226 -0.65 -33.60 -14.12
CA LEU D 226 -1.26 -34.29 -15.25
C LEU D 226 -0.51 -35.57 -15.59
N ALA D 227 0.81 -35.55 -15.52
CA ALA D 227 1.58 -36.75 -15.82
C ALA D 227 1.28 -37.90 -14.88
N PRO D 228 1.24 -37.72 -13.55
CA PRO D 228 0.83 -38.85 -12.70
C PRO D 228 -0.63 -39.22 -12.85
N LEU D 229 -1.51 -38.24 -13.09
CA LEU D 229 -2.93 -38.54 -13.26
C LEU D 229 -3.18 -39.35 -14.53
N LYS D 230 -2.43 -39.05 -15.60
CA LYS D 230 -2.56 -39.83 -16.83
C LYS D 230 -2.16 -41.28 -16.60
N LYS D 231 -1.07 -41.50 -15.85
CA LYS D 231 -0.67 -42.86 -15.52
C LYS D 231 -1.65 -43.51 -14.55
N TRP D 232 -2.26 -42.72 -13.67
CA TRP D 232 -3.18 -43.29 -12.69
C TRP D 232 -4.47 -43.76 -13.34
N ILE D 233 -5.04 -42.95 -14.24
CA ILE D 233 -6.26 -43.36 -14.92
C ILE D 233 -5.98 -44.50 -15.88
N LYS D 234 -4.78 -44.56 -16.45
CA LYS D 234 -4.44 -45.64 -17.38
C LYS D 234 -4.37 -46.98 -16.65
N LYS D 235 -3.87 -46.98 -15.42
CA LYS D 235 -3.78 -48.23 -14.68
C LYS D 235 -5.12 -48.67 -14.11
N ARG D 236 -6.06 -47.74 -13.90
CA ARG D 236 -7.33 -48.14 -13.29
C ARG D 236 -8.35 -48.57 -14.34
N ASN D 237 -8.38 -47.91 -15.50
CA ASN D 237 -9.29 -48.33 -16.55
C ASN D 237 -8.92 -49.71 -17.07
N ILE D 238 -7.64 -50.07 -17.06
CA ILE D 238 -7.23 -51.43 -17.40
C ILE D 238 -7.65 -52.40 -16.29
N ALA D 239 -7.45 -52.01 -15.04
CA ALA D 239 -7.86 -52.86 -13.93
C ALA D 239 -9.38 -52.98 -13.84
N ASN D 240 -10.11 -51.93 -14.24
CA ASN D 240 -11.56 -52.02 -14.27
C ASN D 240 -12.07 -52.90 -15.40
N ASN D 241 -11.28 -53.08 -16.45
CA ASN D 241 -11.69 -53.91 -17.58
C ASN D 241 -10.69 -55.04 -17.80
#